data_4XDD
#
_entry.id   4XDD
#
_cell.length_a   90.057
_cell.length_b   71.807
_cell.length_c   103.308
_cell.angle_alpha   90.00
_cell.angle_beta   97.93
_cell.angle_gamma   90.00
#
_symmetry.space_group_name_H-M   'P 1 21 1'
#
loop_
_entity.id
_entity.type
_entity.pdbx_description
1 polymer 'Iron hydrogenase 1'
2 non-polymer 'IRON/SULFUR CLUSTER'
3 non-polymer 'MAGNESIUM ION'
4 non-polymer 'FE2/S2 (INORGANIC) CLUSTER'
5 non-polymer 'CHLORIDE ION'
6 non-polymer GLYCEROL
7 water water
#
_entity_poly.entity_id   1
_entity_poly.type   'polypeptide(L)'
_entity_poly.pdbx_seq_one_letter_code
;MKTIIINGVQFNTDEDTTILKFARDNNIDISALCFLNNCNNDINKCEICTVEVEGTGLVTACDTLIEDGMIINTNSDAVN
EKIKSRISQLLDIHEFKCGPCNRRENCEFLKLVIKYKARASKPFLPKDKTEYVDERSKSLTVDRTKCLLCGRCVNACGKN
TETYAMKFLNKNGKTIIGAEDEKCFDDTNCLLCGQCIIACPVAALSEKSHMDRVKNALNAPEKHVIVAMAPSVRASIGEL
FNMGFGVDVTGKIYTALRQLGFDKIFDINFGADMTIMEEATELVQRIENNGPFPMFTSCCPGWVRQAENYYPELLNNLSS
AKSPQQIFGTASKTYYPSISGLDPKNVFTVTVMPCTSKKFEADRPQMEKDGLRDIDAVITTRELAKMIKDAKIPFAKLED
SEADPAMGEYSGAGAIFGATGGVMEAALRSAKDFAENAELEDIEYKQVRGLNGIKEAEVEINNNKYNVAVINGASNLFKF
MKSGMINEKQYHFIEVMACHGGCVNGGGQPHVNPKDLEKVDIKKVRASVLYNQDEHLSKRKSHENTALVKMYQNYFGKPG
EGRAHEILHFKYKKSAWSHPQFK
;
_entity_poly.pdbx_strand_id   A,B
#
# COMPACT_ATOMS: atom_id res chain seq x y z
N MET A 1 -29.75 10.05 -2.84
CA MET A 1 -29.79 8.91 -1.88
C MET A 1 -30.08 7.61 -2.60
N LYS A 2 -29.39 6.56 -2.19
CA LYS A 2 -29.60 5.24 -2.77
C LYS A 2 -30.67 4.47 -2.00
N THR A 3 -31.64 3.96 -2.74
CA THR A 3 -32.63 3.05 -2.19
C THR A 3 -32.34 1.65 -2.73
N ILE A 4 -31.99 0.74 -1.82
CA ILE A 4 -31.68 -0.63 -2.20
C ILE A 4 -32.52 -1.60 -1.38
N ILE A 5 -32.82 -2.75 -1.99
CA ILE A 5 -33.64 -3.76 -1.35
C ILE A 5 -32.84 -5.06 -1.23
N ILE A 6 -32.67 -5.51 0.02
CA ILE A 6 -31.89 -6.72 0.29
C ILE A 6 -32.74 -7.74 1.04
N ASN A 7 -33.02 -8.85 0.37
CA ASN A 7 -33.87 -9.91 0.93
C ASN A 7 -35.22 -9.35 1.37
N GLY A 8 -35.79 -8.50 0.54
CA GLY A 8 -37.13 -7.97 0.76
C GLY A 8 -37.14 -6.64 1.50
N VAL A 9 -36.08 -6.39 2.27
CA VAL A 9 -36.04 -5.22 3.15
C VAL A 9 -35.43 -4.01 2.45
N GLN A 10 -36.13 -2.88 2.51
CA GLN A 10 -35.67 -1.66 1.86
C GLN A 10 -34.69 -0.91 2.75
N PHE A 11 -33.67 -0.34 2.13
CA PHE A 11 -32.66 0.44 2.83
C PHE A 11 -32.41 1.75 2.11
N ASN A 12 -32.40 2.85 2.86
CA ASN A 12 -32.06 4.15 2.31
C ASN A 12 -30.71 4.61 2.85
N THR A 13 -29.76 4.81 1.93
CA THR A 13 -28.38 5.11 2.31
C THR A 13 -27.69 6.02 1.32
N ASP A 14 -26.77 6.83 1.82
CA ASP A 14 -25.90 7.66 0.98
C ASP A 14 -24.56 6.98 0.77
N GLU A 15 -24.30 5.94 1.55
CA GLU A 15 -23.00 5.27 1.56
C GLU A 15 -22.57 4.77 0.19
N ASP A 16 -21.32 5.06 -0.16
CA ASP A 16 -20.69 4.47 -1.34
C ASP A 16 -19.82 3.33 -0.86
N THR A 17 -20.32 2.11 -1.01
CA THR A 17 -19.68 0.94 -0.40
C THR A 17 -20.07 -0.34 -1.13
N THR A 18 -19.42 -1.44 -0.79
CA THR A 18 -19.73 -2.73 -1.41
C THR A 18 -20.94 -3.37 -0.77
N ILE A 19 -21.54 -4.31 -1.49
CA ILE A 19 -22.68 -5.07 -0.97
C ILE A 19 -22.28 -5.79 0.32
N LEU A 20 -21.08 -6.36 0.34
CA LEU A 20 -20.62 -7.11 1.51
C LEU A 20 -20.51 -6.19 2.73
N LYS A 21 -19.86 -5.05 2.57
CA LYS A 21 -19.70 -4.10 3.67
C LYS A 21 -21.05 -3.66 4.22
N PHE A 22 -21.92 -3.22 3.32
CA PHE A 22 -23.23 -2.73 3.73
C PHE A 22 -24.02 -3.80 4.45
N ALA A 23 -24.01 -5.01 3.92
CA ALA A 23 -24.72 -6.13 4.52
C ALA A 23 -24.17 -6.44 5.91
N ARG A 24 -22.84 -6.49 6.03
CA ARG A 24 -22.20 -6.75 7.31
C ARG A 24 -22.51 -5.62 8.29
N ASP A 25 -22.58 -4.40 7.79
CA ASP A 25 -22.91 -3.23 8.62
C ASP A 25 -24.34 -3.31 9.14
N ASN A 26 -25.22 -3.90 8.35
CA ASN A 26 -26.64 -3.98 8.70
C ASN A 26 -27.08 -5.39 9.10
N ASN A 27 -26.17 -6.13 9.71
CA ASN A 27 -26.47 -7.45 10.28
C ASN A 27 -27.09 -8.43 9.28
N ILE A 28 -26.83 -8.22 8.00
CA ILE A 28 -27.23 -9.17 6.97
C ILE A 28 -26.10 -10.14 6.72
N ASP A 29 -26.41 -11.43 6.73
CA ASP A 29 -25.38 -12.45 6.59
C ASP A 29 -24.96 -12.65 5.13
N ILE A 30 -23.69 -12.43 4.87
CA ILE A 30 -23.07 -12.80 3.62
C ILE A 30 -21.74 -13.48 3.95
N SER A 31 -21.51 -14.66 3.39
CA SER A 31 -20.26 -15.36 3.60
C SER A 31 -19.16 -14.76 2.74
N ALA A 32 -17.92 -14.93 3.17
CA ALA A 32 -16.77 -14.50 2.39
C ALA A 32 -15.62 -15.41 2.75
N LEU A 33 -14.65 -15.52 1.84
CA LEU A 33 -13.46 -16.29 2.15
C LEU A 33 -12.18 -15.56 1.75
N CYS A 34 -11.95 -15.32 0.45
CA CYS A 34 -10.68 -14.78 0.02
C CYS A 34 -10.58 -13.28 0.31
N PHE A 35 -11.70 -12.62 0.63
CA PHE A 35 -11.65 -11.19 0.92
C PHE A 35 -11.10 -10.94 2.32
N LEU A 36 -9.98 -10.23 2.38
CA LEU A 36 -9.34 -9.85 3.64
C LEU A 36 -8.45 -8.64 3.38
N ASN A 37 -8.31 -7.78 4.39
CA ASN A 37 -7.44 -6.63 4.25
C ASN A 37 -7.84 -5.79 3.03
N ASN A 38 -9.15 -5.68 2.84
CA ASN A 38 -9.75 -4.89 1.78
C ASN A 38 -9.35 -5.34 0.36
N CYS A 39 -8.94 -6.60 0.23
CA CYS A 39 -8.60 -7.16 -1.07
C CYS A 39 -9.14 -8.58 -1.18
N ASN A 40 -9.61 -8.96 -2.37
CA ASN A 40 -9.92 -10.36 -2.63
C ASN A 40 -8.87 -10.92 -3.60
N ASN A 41 -9.03 -12.19 -3.94
CA ASN A 41 -8.07 -12.88 -4.81
C ASN A 41 -8.39 -12.55 -6.27
N ASP A 42 -7.82 -11.46 -6.77
CA ASP A 42 -8.26 -10.88 -8.03
C ASP A 42 -8.09 -11.86 -9.16
N ILE A 43 -7.04 -12.65 -9.09
CA ILE A 43 -6.92 -13.83 -9.93
C ILE A 43 -7.53 -14.98 -9.15
N ASN A 44 -8.46 -15.69 -9.78
CA ASN A 44 -9.17 -16.80 -9.15
C ASN A 44 -9.95 -16.37 -7.90
N LYS A 45 -10.88 -15.44 -8.08
CA LYS A 45 -11.86 -15.09 -7.05
C LYS A 45 -12.55 -16.33 -6.50
N CYS A 46 -12.68 -16.44 -5.18
CA CYS A 46 -13.32 -17.60 -4.57
C CYS A 46 -14.83 -17.63 -4.81
N GLU A 47 -15.42 -16.44 -4.93
CA GLU A 47 -16.86 -16.27 -5.21
C GLU A 47 -17.77 -16.80 -4.11
N ILE A 48 -17.22 -16.98 -2.92
CA ILE A 48 -18.00 -17.43 -1.76
C ILE A 48 -18.98 -16.33 -1.33
N CYS A 49 -18.66 -15.09 -1.71
CA CYS A 49 -19.49 -13.93 -1.40
C CYS A 49 -20.57 -13.66 -2.45
N THR A 50 -20.90 -14.67 -3.23
CA THR A 50 -21.84 -14.50 -4.32
C THR A 50 -23.21 -14.06 -3.79
N VAL A 51 -23.77 -13.04 -4.43
CA VAL A 51 -25.16 -12.66 -4.20
C VAL A 51 -25.83 -12.43 -5.55
N GLU A 52 -27.16 -12.37 -5.54
CA GLU A 52 -27.93 -12.17 -6.76
C GLU A 52 -28.42 -10.73 -6.83
N VAL A 53 -28.06 -10.03 -7.89
CA VAL A 53 -28.60 -8.71 -8.18
C VAL A 53 -29.59 -8.84 -9.33
N GLU A 54 -30.88 -8.84 -9.00
CA GLU A 54 -31.93 -8.98 -10.00
C GLU A 54 -31.71 -8.05 -11.19
N GLY A 55 -31.74 -8.61 -12.39
CA GLY A 55 -31.51 -7.86 -13.60
C GLY A 55 -30.06 -7.91 -14.07
N THR A 56 -29.15 -8.21 -13.14
CA THR A 56 -27.72 -8.31 -13.44
C THR A 56 -27.25 -9.75 -13.42
N GLY A 57 -27.70 -10.51 -12.43
CA GLY A 57 -27.29 -11.88 -12.24
C GLY A 57 -26.44 -12.04 -11.00
N LEU A 58 -25.60 -13.08 -10.97
CA LEU A 58 -24.75 -13.34 -9.83
C LEU A 58 -23.52 -12.44 -9.83
N VAL A 59 -23.25 -11.82 -8.69
CA VAL A 59 -22.10 -10.94 -8.52
C VAL A 59 -21.35 -11.32 -7.25
N THR A 60 -20.09 -10.92 -7.17
CA THR A 60 -19.31 -11.09 -5.96
C THR A 60 -19.52 -9.87 -5.06
N ALA A 61 -20.16 -10.09 -3.92
CA ALA A 61 -20.54 -9.00 -3.02
C ALA A 61 -19.35 -8.23 -2.47
N CYS A 62 -18.19 -8.89 -2.39
CA CYS A 62 -17.04 -8.30 -1.71
C CYS A 62 -16.39 -7.18 -2.51
N ASP A 63 -16.65 -7.14 -3.82
CA ASP A 63 -16.09 -6.08 -4.67
C ASP A 63 -17.13 -5.44 -5.58
N THR A 64 -18.40 -5.60 -5.24
CA THR A 64 -19.49 -4.98 -6.01
C THR A 64 -20.15 -3.87 -5.20
N LEU A 65 -20.05 -2.65 -5.71
CA LEU A 65 -20.62 -1.47 -5.06
C LEU A 65 -22.14 -1.52 -5.06
N ILE A 66 -22.76 -1.00 -4.00
CA ILE A 66 -24.21 -0.87 -3.97
C ILE A 66 -24.61 0.25 -4.91
N GLU A 67 -25.77 0.11 -5.53
CA GLU A 67 -26.30 1.12 -6.44
C GLU A 67 -27.78 1.31 -6.22
N ASP A 68 -28.25 2.54 -6.41
CA ASP A 68 -29.66 2.88 -6.22
C ASP A 68 -30.57 1.96 -7.01
N GLY A 69 -31.57 1.41 -6.33
CA GLY A 69 -32.57 0.57 -6.98
C GLY A 69 -32.16 -0.88 -7.12
N MET A 70 -30.99 -1.24 -6.58
CA MET A 70 -30.57 -2.62 -6.56
C MET A 70 -31.53 -3.47 -5.76
N ILE A 71 -31.93 -4.62 -6.31
CA ILE A 71 -32.70 -5.60 -5.56
C ILE A 71 -31.84 -6.84 -5.40
N ILE A 72 -31.43 -7.09 -4.16
CA ILE A 72 -30.41 -8.09 -3.87
C ILE A 72 -30.98 -9.25 -3.05
N ASN A 73 -30.74 -10.46 -3.53
CA ASN A 73 -30.99 -11.65 -2.75
C ASN A 73 -29.68 -12.35 -2.46
N THR A 74 -29.39 -12.53 -1.17
CA THR A 74 -28.14 -13.10 -0.71
C THR A 74 -28.28 -14.60 -0.50
N ASN A 75 -29.47 -15.11 -0.78
CA ASN A 75 -29.89 -16.38 -0.22
C ASN A 75 -30.78 -17.20 -1.16
N SER A 76 -30.88 -16.77 -2.42
CA SER A 76 -31.70 -17.48 -3.38
C SER A 76 -31.07 -18.84 -3.67
N ASP A 77 -31.87 -19.75 -4.24
CA ASP A 77 -31.39 -21.09 -4.55
C ASP A 77 -30.20 -21.05 -5.52
N ALA A 78 -30.24 -20.11 -6.46
CA ALA A 78 -29.17 -19.98 -7.44
C ALA A 78 -27.86 -19.58 -6.76
N VAL A 79 -27.97 -18.73 -5.74
CA VAL A 79 -26.80 -18.23 -5.01
C VAL A 79 -26.16 -19.34 -4.20
N ASN A 80 -26.96 -20.04 -3.39
CA ASN A 80 -26.43 -21.08 -2.52
C ASN A 80 -25.87 -22.26 -3.30
N GLU A 81 -26.38 -22.46 -4.51
CA GLU A 81 -25.90 -23.53 -5.37
C GLU A 81 -24.50 -23.21 -5.87
N LYS A 82 -24.31 -21.96 -6.29
CA LYS A 82 -23.02 -21.50 -6.76
C LYS A 82 -21.96 -21.58 -5.66
N ILE A 83 -22.32 -21.06 -4.48
CA ILE A 83 -21.40 -21.06 -3.35
C ILE A 83 -21.04 -22.48 -2.94
N LYS A 84 -22.07 -23.32 -2.82
CA LYS A 84 -21.88 -24.71 -2.44
C LYS A 84 -20.96 -25.42 -3.44
N SER A 85 -21.11 -25.06 -4.72
CA SER A 85 -20.31 -25.63 -5.78
C SER A 85 -18.84 -25.21 -5.66
N ARG A 86 -18.62 -23.95 -5.27
CA ARG A 86 -17.25 -23.46 -5.10
C ARG A 86 -16.57 -24.13 -3.92
N ILE A 87 -17.32 -24.36 -2.84
CA ILE A 87 -16.76 -25.02 -1.67
C ILE A 87 -16.46 -26.49 -1.96
N SER A 88 -17.31 -27.11 -2.78
CA SER A 88 -17.09 -28.50 -3.21
C SER A 88 -15.78 -28.63 -3.97
N GLN A 89 -15.53 -27.68 -4.86
CA GLN A 89 -14.32 -27.66 -5.65
C GLN A 89 -13.09 -27.50 -4.75
N LEU A 90 -13.22 -26.72 -3.68
CA LEU A 90 -12.12 -26.58 -2.75
C LEU A 90 -11.90 -27.87 -1.97
N LEU A 91 -12.99 -28.56 -1.62
CA LEU A 91 -12.85 -29.81 -0.91
C LEU A 91 -12.06 -30.80 -1.77
N ASP A 92 -12.18 -30.68 -3.09
CA ASP A 92 -11.49 -31.59 -4.00
C ASP A 92 -9.96 -31.46 -3.93
N ILE A 93 -9.48 -30.35 -3.37
CA ILE A 93 -8.04 -30.12 -3.21
C ILE A 93 -7.66 -29.95 -1.74
N HIS A 94 -8.51 -30.41 -0.84
CA HIS A 94 -8.32 -30.17 0.59
C HIS A 94 -8.40 -31.47 1.37
N GLU A 95 -7.34 -31.78 2.12
CA GLU A 95 -7.35 -32.95 2.99
C GLU A 95 -8.23 -32.64 4.20
N PHE A 96 -9.45 -33.14 4.15
CA PHE A 96 -10.48 -32.77 5.11
C PHE A 96 -10.48 -33.73 6.29
N LYS A 97 -9.54 -33.50 7.21
CA LYS A 97 -9.33 -34.36 8.36
C LYS A 97 -9.15 -33.51 9.61
N CYS A 98 -10.26 -32.99 10.11
CA CYS A 98 -10.21 -31.93 11.13
C CYS A 98 -9.81 -32.44 12.53
N GLY A 99 -10.00 -33.73 12.77
CA GLY A 99 -9.73 -34.32 14.08
C GLY A 99 -8.42 -33.87 14.73
N PRO A 100 -7.28 -34.17 14.10
CA PRO A 100 -5.96 -33.81 14.60
C PRO A 100 -5.48 -32.41 14.18
N CYS A 101 -6.31 -31.67 13.46
CA CYS A 101 -5.88 -30.42 12.82
C CYS A 101 -5.69 -29.27 13.82
N ASN A 102 -4.65 -28.46 13.65
CA ASN A 102 -4.37 -27.41 14.63
C ASN A 102 -5.25 -26.17 14.46
N ARG A 103 -6.18 -26.18 13.50
CA ARG A 103 -7.15 -25.08 13.34
C ARG A 103 -8.58 -25.55 13.55
N ARG A 104 -8.73 -26.80 14.00
CA ARG A 104 -10.04 -27.42 14.19
C ARG A 104 -11.05 -26.50 14.88
N GLU A 105 -10.59 -25.77 15.89
CA GLU A 105 -11.52 -24.98 16.70
C GLU A 105 -11.87 -23.62 16.12
N ASN A 106 -11.08 -23.12 15.15
CA ASN A 106 -11.38 -21.82 14.55
C ASN A 106 -11.06 -21.73 13.07
N CYS A 107 -11.35 -22.79 12.33
CA CYS A 107 -11.12 -22.82 10.90
C CYS A 107 -12.28 -22.21 10.10
N GLU A 108 -11.97 -21.26 9.22
CA GLU A 108 -13.00 -20.62 8.41
C GLU A 108 -13.56 -21.57 7.36
N PHE A 109 -12.74 -22.49 6.88
CA PHE A 109 -13.18 -23.38 5.82
C PHE A 109 -14.17 -24.42 6.35
N LEU A 110 -13.84 -25.02 7.49
CA LEU A 110 -14.73 -25.98 8.12
C LEU A 110 -16.12 -25.36 8.33
N LYS A 111 -16.14 -24.12 8.82
CA LYS A 111 -17.41 -23.45 9.07
C LYS A 111 -18.22 -23.24 7.78
N LEU A 112 -17.53 -23.01 6.66
CA LEU A 112 -18.21 -22.83 5.38
C LEU A 112 -18.74 -24.17 4.87
N VAL A 113 -17.96 -25.22 5.07
CA VAL A 113 -18.37 -26.55 4.62
C VAL A 113 -19.64 -26.96 5.34
N ILE A 114 -19.70 -26.64 6.63
CA ILE A 114 -20.86 -26.97 7.45
C ILE A 114 -22.07 -26.13 7.04
N LYS A 115 -21.86 -24.83 6.89
CA LYS A 115 -22.93 -23.90 6.55
C LYS A 115 -23.63 -24.25 5.23
N TYR A 116 -22.87 -24.70 4.25
CA TYR A 116 -23.41 -24.92 2.91
C TYR A 116 -23.57 -26.40 2.60
N LYS A 117 -23.20 -27.25 3.56
CA LYS A 117 -23.35 -28.69 3.42
C LYS A 117 -22.64 -29.18 2.17
N ALA A 118 -21.45 -28.62 1.93
CA ALA A 118 -20.67 -28.94 0.75
C ALA A 118 -20.05 -30.33 0.86
N ARG A 119 -19.89 -30.98 -0.30
CA ARG A 119 -19.24 -32.28 -0.36
C ARG A 119 -18.31 -32.35 -1.56
N ALA A 120 -17.18 -33.02 -1.38
CA ALA A 120 -16.22 -33.22 -2.46
C ALA A 120 -16.81 -34.07 -3.57
N SER A 121 -16.44 -33.77 -4.81
CA SER A 121 -16.77 -34.66 -5.92
C SER A 121 -15.91 -35.92 -5.77
N LYS A 122 -14.73 -35.73 -5.20
CA LYS A 122 -13.81 -36.81 -4.87
C LYS A 122 -12.98 -36.37 -3.67
N PRO A 123 -13.05 -37.12 -2.56
CA PRO A 123 -12.23 -36.70 -1.42
C PRO A 123 -10.75 -36.68 -1.73
N PHE A 124 -10.07 -35.64 -1.27
CA PHE A 124 -8.63 -35.51 -1.48
C PHE A 124 -7.91 -36.19 -0.33
N LEU A 125 -7.23 -37.30 -0.64
CA LEU A 125 -6.64 -38.16 0.38
C LEU A 125 -5.24 -38.61 -0.01
N PRO A 126 -4.29 -37.67 -0.06
CA PRO A 126 -2.91 -38.04 -0.42
C PRO A 126 -2.33 -39.04 0.58
N LYS A 127 -1.72 -40.10 0.07
CA LYS A 127 -1.17 -41.16 0.92
C LYS A 127 0.19 -40.78 1.51
N ASP A 128 0.87 -39.85 0.84
CA ASP A 128 2.17 -39.37 1.30
C ASP A 128 2.19 -37.84 1.27
N LYS A 129 2.16 -37.22 2.45
CA LYS A 129 2.08 -35.76 2.55
C LYS A 129 3.43 -35.05 2.42
N THR A 130 4.52 -35.82 2.43
CA THR A 130 5.86 -35.22 2.52
C THR A 130 6.11 -34.13 1.49
N GLU A 131 5.68 -34.36 0.25
CA GLU A 131 5.94 -33.41 -0.82
C GLU A 131 5.08 -32.15 -0.71
N TYR A 132 4.02 -32.22 0.11
CA TYR A 132 3.13 -31.08 0.32
C TYR A 132 3.57 -30.21 1.50
N VAL A 133 4.52 -30.72 2.29
CA VAL A 133 4.87 -30.11 3.57
C VAL A 133 6.27 -29.52 3.53
N ASP A 134 6.41 -28.31 4.04
CA ASP A 134 7.71 -27.66 4.18
C ASP A 134 7.93 -27.18 5.61
N GLU A 135 8.79 -27.88 6.32
CA GLU A 135 9.12 -27.58 7.72
C GLU A 135 10.59 -27.15 7.88
N ARG A 136 11.20 -26.69 6.78
CA ARG A 136 12.61 -26.35 6.80
C ARG A 136 12.91 -25.12 7.65
N SER A 137 11.97 -24.19 7.66
CA SER A 137 12.17 -22.91 8.35
C SER A 137 12.26 -23.04 9.87
N LYS A 138 13.01 -22.13 10.49
CA LYS A 138 13.06 -22.04 11.95
C LYS A 138 11.78 -21.44 12.54
N SER A 139 10.93 -20.84 11.69
CA SER A 139 9.79 -20.05 12.16
C SER A 139 8.44 -20.44 11.57
N LEU A 140 8.43 -20.77 10.27
CA LEU A 140 7.19 -21.02 9.53
C LEU A 140 7.10 -22.46 9.05
N THR A 141 5.88 -22.96 8.85
CA THR A 141 5.68 -24.23 8.17
C THR A 141 4.53 -24.11 7.19
N VAL A 142 4.60 -24.89 6.12
CA VAL A 142 3.57 -24.94 5.10
C VAL A 142 3.05 -26.37 4.99
N ASP A 143 1.73 -26.52 4.95
CA ASP A 143 1.07 -27.79 4.62
C ASP A 143 0.10 -27.53 3.48
N ARG A 144 0.54 -27.83 2.26
CA ARG A 144 -0.23 -27.48 1.08
C ARG A 144 -1.44 -28.39 0.86
N THR A 145 -1.57 -29.48 1.63
CA THR A 145 -2.79 -30.28 1.54
C THR A 145 -3.98 -29.52 2.11
N LYS A 146 -3.72 -28.43 2.83
CA LYS A 146 -4.77 -27.59 3.40
C LYS A 146 -5.00 -26.31 2.61
N CYS A 147 -4.13 -26.00 1.65
CA CYS A 147 -4.13 -24.68 1.03
C CYS A 147 -5.24 -24.50 0.00
N LEU A 148 -6.03 -23.44 0.17
CA LEU A 148 -7.18 -23.16 -0.69
C LEU A 148 -6.80 -22.26 -1.87
N LEU A 149 -5.54 -21.82 -1.92
CA LEU A 149 -5.07 -20.89 -2.93
C LEU A 149 -5.94 -19.63 -2.97
N CYS A 150 -6.29 -19.15 -1.77
CA CYS A 150 -7.13 -17.97 -1.63
C CYS A 150 -6.33 -16.67 -1.73
N GLY A 151 -5.01 -16.77 -1.65
CA GLY A 151 -4.16 -15.60 -1.81
C GLY A 151 -4.11 -14.66 -0.62
N ARG A 152 -4.76 -15.02 0.49
CA ARG A 152 -4.79 -14.07 1.62
C ARG A 152 -3.41 -13.83 2.20
N CYS A 153 -2.58 -14.88 2.23
CA CYS A 153 -1.21 -14.76 2.74
C CYS A 153 -0.35 -13.88 1.84
N VAL A 154 -0.48 -14.09 0.53
CA VAL A 154 0.26 -13.33 -0.47
C VAL A 154 -0.07 -11.84 -0.35
N ASN A 155 -1.37 -11.55 -0.28
CA ASN A 155 -1.81 -10.17 -0.11
C ASN A 155 -1.36 -9.57 1.23
N ALA A 156 -1.45 -10.37 2.31
CA ALA A 156 -1.08 -9.86 3.63
C ALA A 156 0.41 -9.57 3.71
N CYS A 157 1.23 -10.41 3.09
CA CYS A 157 2.67 -10.18 3.08
C CYS A 157 2.96 -8.86 2.37
N GLY A 158 2.37 -8.66 1.20
CA GLY A 158 2.57 -7.45 0.45
C GLY A 158 2.20 -6.20 1.24
N LYS A 159 1.02 -6.23 1.88
CA LYS A 159 0.54 -5.06 2.58
C LYS A 159 1.29 -4.79 3.89
N ASN A 160 1.59 -5.85 4.64
CA ASN A 160 2.21 -5.69 5.95
C ASN A 160 3.70 -5.41 5.87
N THR A 161 4.38 -5.98 4.87
CA THR A 161 5.84 -5.87 4.81
C THR A 161 6.38 -5.26 3.52
N GLU A 162 5.59 -5.36 2.44
CA GLU A 162 6.03 -4.95 1.11
C GLU A 162 7.30 -5.69 0.65
N THR A 163 7.56 -6.87 1.20
CA THR A 163 8.67 -7.71 0.72
C THR A 163 8.22 -8.61 -0.42
N TYR A 164 6.93 -8.96 -0.39
CA TYR A 164 6.36 -9.96 -1.29
C TYR A 164 7.16 -11.25 -1.24
N ALA A 165 7.62 -11.59 -0.03
CA ALA A 165 8.35 -12.84 0.19
C ALA A 165 7.45 -14.05 0.02
N MET A 166 6.14 -13.88 0.24
CA MET A 166 5.18 -14.92 -0.04
C MET A 166 4.60 -14.72 -1.44
N LYS A 167 4.68 -15.76 -2.27
CA LYS A 167 4.32 -15.66 -3.67
C LYS A 167 3.49 -16.84 -4.16
N PHE A 168 2.74 -16.61 -5.21
CA PHE A 168 2.24 -17.69 -6.04
C PHE A 168 3.38 -18.21 -6.89
N LEU A 169 3.51 -19.54 -6.93
CA LEU A 169 4.56 -20.19 -7.71
C LEU A 169 3.94 -21.21 -8.63
N ASN A 170 4.58 -21.42 -9.78
CA ASN A 170 4.27 -22.52 -10.68
C ASN A 170 5.21 -23.66 -10.36
N LYS A 171 4.68 -24.74 -9.77
CA LYS A 171 5.46 -25.93 -9.45
C LYS A 171 4.95 -27.10 -10.27
N ASN A 172 5.73 -27.50 -11.26
CA ASN A 172 5.37 -28.62 -12.13
C ASN A 172 4.01 -28.39 -12.78
N GLY A 173 3.75 -27.17 -13.21
CA GLY A 173 2.51 -26.85 -13.90
C GLY A 173 1.31 -26.71 -12.98
N LYS A 174 1.55 -26.73 -11.67
CA LYS A 174 0.48 -26.56 -10.69
C LYS A 174 0.80 -25.39 -9.76
N THR A 175 -0.24 -24.65 -9.39
CA THR A 175 -0.06 -23.48 -8.55
C THR A 175 0.07 -23.83 -7.08
N ILE A 176 1.07 -23.23 -6.45
CA ILE A 176 1.25 -23.31 -5.00
C ILE A 176 1.58 -21.91 -4.50
N ILE A 177 1.59 -21.75 -3.18
CA ILE A 177 2.20 -20.58 -2.58
C ILE A 177 3.48 -21.04 -1.91
N GLY A 178 4.42 -20.11 -1.79
CA GLY A 178 5.68 -20.40 -1.13
C GLY A 178 6.63 -19.23 -1.29
N ALA A 179 7.87 -19.46 -0.88
CA ALA A 179 8.91 -18.45 -0.94
C ALA A 179 9.54 -18.42 -2.32
N GLU A 180 10.32 -17.38 -2.58
CA GLU A 180 10.97 -17.22 -3.87
C GLU A 180 11.74 -18.50 -4.26
N ASP A 181 11.47 -18.99 -5.46
CA ASP A 181 12.14 -20.17 -6.00
C ASP A 181 11.89 -21.43 -5.17
N GLU A 182 10.80 -21.43 -4.40
CA GLU A 182 10.46 -22.50 -3.47
C GLU A 182 11.58 -22.79 -2.48
N LYS A 183 12.36 -21.77 -2.15
CA LYS A 183 13.40 -21.88 -1.15
C LYS A 183 12.83 -21.94 0.25
N CYS A 184 13.66 -22.29 1.22
CA CYS A 184 13.30 -22.12 2.62
C CYS A 184 13.12 -20.62 2.87
N PHE A 185 12.05 -20.25 3.56
CA PHE A 185 11.75 -18.84 3.77
C PHE A 185 12.93 -18.12 4.39
N ASP A 186 13.63 -18.81 5.29
CA ASP A 186 14.74 -18.20 6.05
C ASP A 186 15.83 -17.71 5.13
N ASP A 187 15.95 -18.35 3.97
CA ASP A 187 17.04 -18.06 3.04
C ASP A 187 16.66 -16.97 2.04
N THR A 188 15.47 -16.39 2.24
CA THR A 188 14.99 -15.34 1.37
C THR A 188 14.88 -14.04 2.16
N ASN A 189 14.33 -13.01 1.53
CA ASN A 189 14.19 -11.70 2.17
C ASN A 189 13.08 -11.67 3.22
N CYS A 190 12.35 -12.78 3.33
CA CYS A 190 11.31 -12.95 4.35
C CYS A 190 11.75 -12.48 5.73
N LEU A 191 10.86 -11.80 6.46
CA LEU A 191 11.15 -11.31 7.82
C LEU A 191 10.79 -12.32 8.91
N LEU A 192 10.12 -13.41 8.53
CA LEU A 192 9.60 -14.45 9.44
C LEU A 192 8.64 -13.89 10.49
N CYS A 193 7.98 -12.80 10.12
CA CYS A 193 7.00 -12.11 10.98
C CYS A 193 5.67 -12.86 11.12
N GLY A 194 5.41 -13.80 10.22
CA GLY A 194 4.22 -14.63 10.32
C GLY A 194 2.89 -13.94 10.04
N GLN A 195 2.92 -12.76 9.43
CA GLN A 195 1.67 -12.10 9.08
C GLN A 195 0.87 -12.95 8.08
N CYS A 196 1.58 -13.74 7.29
CA CYS A 196 0.94 -14.68 6.38
C CYS A 196 0.13 -15.75 7.12
N ILE A 197 0.68 -16.27 8.21
CA ILE A 197 -0.03 -17.21 9.08
C ILE A 197 -1.30 -16.59 9.61
N ILE A 198 -1.18 -15.36 10.11
CA ILE A 198 -2.33 -14.69 10.70
C ILE A 198 -3.47 -14.50 9.69
N ALA A 199 -3.12 -14.35 8.42
CA ALA A 199 -4.11 -14.14 7.35
C ALA A 199 -4.73 -15.45 6.83
N CYS A 200 -4.17 -16.59 7.22
CA CYS A 200 -4.59 -17.87 6.66
C CYS A 200 -5.89 -18.36 7.30
N PRO A 201 -6.90 -18.70 6.49
CA PRO A 201 -8.18 -19.17 7.02
C PRO A 201 -8.17 -20.63 7.49
N VAL A 202 -7.09 -21.34 7.19
CA VAL A 202 -6.99 -22.77 7.45
C VAL A 202 -5.64 -23.12 8.07
N ALA A 203 -5.30 -24.40 8.16
CA ALA A 203 -4.06 -24.85 8.78
C ALA A 203 -2.90 -24.99 7.79
N ALA A 204 -2.96 -24.29 6.67
CA ALA A 204 -1.92 -24.40 5.65
C ALA A 204 -0.60 -23.77 6.10
N LEU A 205 -0.70 -22.61 6.74
CA LEU A 205 0.47 -21.94 7.28
C LEU A 205 0.41 -22.00 8.80
N SER A 206 1.53 -22.39 9.41
CA SER A 206 1.63 -22.49 10.86
C SER A 206 3.01 -22.08 11.33
N GLU A 207 3.15 -22.02 12.65
CA GLU A 207 4.47 -21.80 13.23
C GLU A 207 5.24 -23.11 13.27
N LYS A 208 6.56 -22.99 13.19
CA LYS A 208 7.46 -24.11 13.41
C LYS A 208 7.36 -24.53 14.87
N SER A 209 6.88 -25.74 15.11
CA SER A 209 6.60 -26.19 16.47
C SER A 209 7.85 -26.32 17.32
N HIS A 210 7.79 -25.80 18.56
CA HIS A 210 8.81 -26.11 19.56
C HIS A 210 8.21 -26.92 20.72
N MET A 211 6.99 -27.43 20.53
CA MET A 211 6.31 -28.12 21.63
C MET A 211 7.04 -29.40 22.07
N ASP A 212 7.68 -30.11 21.14
CA ASP A 212 8.48 -31.29 21.53
C ASP A 212 9.73 -30.91 22.34
N ARG A 213 10.40 -29.81 21.99
CA ARG A 213 11.53 -29.32 22.79
C ARG A 213 11.11 -29.11 24.25
N VAL A 214 9.95 -28.48 24.42
CA VAL A 214 9.47 -28.15 25.75
C VAL A 214 9.08 -29.42 26.51
N LYS A 215 8.31 -30.30 25.87
CA LYS A 215 7.82 -31.47 26.58
C LYS A 215 8.97 -32.40 26.98
N ASN A 216 9.96 -32.53 26.10
CA ASN A 216 11.10 -33.38 26.40
C ASN A 216 11.92 -32.81 27.56
N ALA A 217 12.03 -31.49 27.62
CA ALA A 217 12.75 -30.86 28.71
C ALA A 217 11.98 -31.01 30.03
N LEU A 218 10.67 -30.80 30.00
CA LEU A 218 9.84 -30.94 31.20
C LEU A 218 9.95 -32.35 31.79
N ASN A 219 10.04 -33.34 30.91
CA ASN A 219 10.07 -34.74 31.30
C ASN A 219 11.45 -35.25 31.67
N ALA A 220 12.50 -34.52 31.27
CA ALA A 220 13.86 -34.91 31.61
C ALA A 220 14.10 -34.65 33.10
N PRO A 221 14.47 -35.69 33.87
CA PRO A 221 14.58 -35.52 35.32
C PRO A 221 15.52 -34.41 35.75
N GLU A 222 16.63 -34.25 35.03
CA GLU A 222 17.69 -33.36 35.45
C GLU A 222 17.52 -31.93 34.93
N LYS A 223 16.60 -31.70 34.00
CA LYS A 223 16.40 -30.34 33.49
C LYS A 223 15.53 -29.51 34.42
N HIS A 224 15.95 -28.26 34.63
CA HIS A 224 15.20 -27.26 35.37
C HIS A 224 14.66 -26.29 34.34
N VAL A 225 13.37 -26.38 34.08
CA VAL A 225 12.77 -25.66 32.96
C VAL A 225 12.15 -24.35 33.43
N ILE A 226 12.78 -23.24 33.01
CA ILE A 226 12.25 -21.90 33.20
C ILE A 226 11.25 -21.58 32.11
N VAL A 227 10.17 -20.90 32.47
CA VAL A 227 9.29 -20.34 31.45
C VAL A 227 9.07 -18.88 31.75
N ALA A 228 9.01 -18.08 30.68
CA ALA A 228 8.82 -16.64 30.79
C ALA A 228 8.04 -16.15 29.59
N MET A 229 6.93 -15.46 29.83
CA MET A 229 6.08 -14.98 28.75
C MET A 229 6.34 -13.52 28.39
N ALA A 230 6.19 -13.21 27.10
CA ALA A 230 6.25 -11.85 26.57
C ALA A 230 5.10 -11.01 27.07
N PRO A 231 5.26 -9.67 27.02
CA PRO A 231 4.19 -8.78 27.44
C PRO A 231 2.83 -9.14 26.84
N SER A 232 2.79 -9.42 25.53
CA SER A 232 1.52 -9.51 24.81
C SER A 232 0.70 -10.75 25.15
N VAL A 233 1.35 -11.81 25.61
CA VAL A 233 0.64 -13.06 25.86
C VAL A 233 -0.51 -12.87 26.86
N ARG A 234 -0.29 -12.04 27.89
CA ARG A 234 -1.27 -11.89 28.95
C ARG A 234 -2.45 -11.02 28.53
N ALA A 235 -2.32 -10.37 27.38
CA ALA A 235 -3.36 -9.54 26.81
C ALA A 235 -4.11 -10.23 25.67
N SER A 236 -3.77 -11.49 25.41
N SER A 236 -3.77 -11.49 25.38
CA SER A 236 -4.18 -12.15 24.18
CA SER A 236 -4.34 -12.14 24.20
C SER A 236 -4.71 -13.58 24.35
C SER A 236 -4.74 -13.61 24.35
N ILE A 237 -4.05 -14.39 25.18
CA ILE A 237 -4.29 -15.84 25.16
C ILE A 237 -5.70 -16.20 25.63
N GLY A 238 -6.32 -15.33 26.42
CA GLY A 238 -7.69 -15.58 26.85
C GLY A 238 -8.69 -15.69 25.71
N GLU A 239 -8.35 -15.11 24.56
CA GLU A 239 -9.18 -15.24 23.36
C GLU A 239 -9.44 -16.68 22.96
N LEU A 240 -8.49 -17.57 23.27
CA LEU A 240 -8.58 -18.97 22.85
C LEU A 240 -9.25 -19.82 23.94
N PHE A 241 -9.69 -19.17 25.01
CA PHE A 241 -10.36 -19.85 26.12
C PHE A 241 -11.74 -19.23 26.40
N ASN A 242 -12.36 -18.71 25.36
CA ASN A 242 -13.73 -18.21 25.41
C ASN A 242 -13.88 -17.03 26.36
N MET A 243 -12.81 -16.27 26.56
CA MET A 243 -12.86 -15.18 27.53
C MET A 243 -13.08 -13.82 26.87
N GLY A 244 -13.09 -13.80 25.54
CA GLY A 244 -13.30 -12.58 24.79
C GLY A 244 -12.01 -11.81 24.56
N PHE A 245 -12.15 -10.56 24.12
CA PHE A 245 -11.01 -9.72 23.76
C PHE A 245 -10.66 -8.72 24.85
N GLY A 246 -9.38 -8.39 24.96
CA GLY A 246 -8.94 -7.34 25.85
C GLY A 246 -8.94 -7.69 27.32
N VAL A 247 -8.84 -8.97 27.63
CA VAL A 247 -8.85 -9.44 29.00
C VAL A 247 -7.42 -9.68 29.51
N ASP A 248 -7.15 -9.16 30.70
CA ASP A 248 -5.87 -9.40 31.38
C ASP A 248 -5.90 -10.73 32.13
N VAL A 249 -5.14 -11.72 31.64
CA VAL A 249 -5.13 -13.04 32.25
C VAL A 249 -3.75 -13.42 32.80
N THR A 250 -2.98 -12.41 33.19
CA THR A 250 -1.63 -12.63 33.71
C THR A 250 -1.58 -13.69 34.81
N GLY A 251 -2.40 -13.50 35.84
CA GLY A 251 -2.37 -14.37 37.01
C GLY A 251 -2.77 -15.80 36.69
N LYS A 252 -3.72 -15.96 35.79
CA LYS A 252 -4.13 -17.28 35.31
C LYS A 252 -3.00 -17.99 34.57
N ILE A 253 -2.29 -17.27 33.73
CA ILE A 253 -1.15 -17.86 33.01
C ILE A 253 -0.12 -18.39 34.00
N TYR A 254 0.24 -17.60 35.02
CA TYR A 254 1.23 -18.07 35.99
C TYR A 254 0.77 -19.39 36.60
N THR A 255 -0.50 -19.47 36.97
CA THR A 255 -1.03 -20.70 37.56
C THR A 255 -0.98 -21.85 36.56
N ALA A 256 -1.42 -21.59 35.33
CA ALA A 256 -1.42 -22.63 34.29
C ALA A 256 -0.01 -23.17 34.03
N LEU A 257 0.97 -22.27 34.04
CA LEU A 257 2.35 -22.68 33.76
C LEU A 257 2.88 -23.59 34.88
N ARG A 258 2.52 -23.31 36.12
CA ARG A 258 2.89 -24.20 37.23
C ARG A 258 2.21 -25.55 37.07
N GLN A 259 0.94 -25.55 36.67
CA GLN A 259 0.22 -26.80 36.51
C GLN A 259 0.79 -27.64 35.35
N LEU A 260 1.45 -26.98 34.39
CA LEU A 260 2.09 -27.69 33.27
C LEU A 260 3.41 -28.33 33.68
N GLY A 261 3.91 -27.97 34.86
CA GLY A 261 5.10 -28.58 35.42
C GLY A 261 6.40 -27.81 35.24
N PHE A 262 6.30 -26.56 34.79
CA PHE A 262 7.49 -25.73 34.68
C PHE A 262 8.07 -25.52 36.08
N ASP A 263 9.38 -25.45 36.17
CA ASP A 263 10.07 -25.44 37.46
C ASP A 263 10.26 -24.04 38.01
N LYS A 264 10.22 -23.04 37.15
CA LYS A 264 10.33 -21.65 37.60
C LYS A 264 9.51 -20.77 36.68
N ILE A 265 8.73 -19.87 37.27
CA ILE A 265 7.85 -18.97 36.54
C ILE A 265 8.41 -17.56 36.58
N PHE A 266 9.04 -17.15 35.50
CA PHE A 266 9.60 -15.80 35.41
C PHE A 266 8.78 -15.03 34.38
N ASP A 267 9.32 -13.93 33.85
CA ASP A 267 8.53 -13.08 32.96
C ASP A 267 9.46 -12.30 32.05
N ILE A 268 9.17 -12.28 30.75
CA ILE A 268 10.05 -11.57 29.82
C ILE A 268 9.95 -10.07 30.03
N ASN A 269 8.90 -9.61 30.69
CA ASN A 269 8.83 -8.18 31.02
C ASN A 269 10.02 -7.78 31.90
N PHE A 270 10.54 -8.71 32.68
CA PHE A 270 11.77 -8.50 33.46
C PHE A 270 12.94 -8.28 32.49
N GLY A 271 13.01 -9.14 31.46
CA GLY A 271 13.96 -8.94 30.38
C GLY A 271 13.80 -7.60 29.67
N ALA A 272 12.56 -7.14 29.48
CA ALA A 272 12.36 -5.84 28.83
C ALA A 272 12.94 -4.73 29.71
N ASP A 273 12.76 -4.84 31.02
CA ASP A 273 13.37 -3.85 31.91
C ASP A 273 14.90 -3.89 31.77
N MET A 274 15.48 -5.07 31.58
CA MET A 274 16.92 -5.19 31.31
C MET A 274 17.34 -4.53 30.00
N THR A 275 16.58 -4.78 28.95
CA THR A 275 16.84 -4.13 27.66
C THR A 275 16.87 -2.60 27.86
N ILE A 276 15.93 -2.08 28.62
CA ILE A 276 15.90 -0.64 28.84
C ILE A 276 17.10 -0.19 29.67
N MET A 277 17.45 -0.93 30.72
CA MET A 277 18.62 -0.59 31.50
C MET A 277 19.83 -0.40 30.57
N GLU A 278 20.04 -1.36 29.68
CA GLU A 278 21.17 -1.28 28.76
C GLU A 278 20.98 -0.23 27.67
N GLU A 279 19.80 -0.20 27.03
CA GLU A 279 19.59 0.67 25.87
C GLU A 279 19.45 2.14 26.23
N ALA A 280 18.80 2.44 27.36
CA ALA A 280 18.71 3.82 27.83
C ALA A 280 20.10 4.32 28.17
N THR A 281 20.91 3.46 28.77
CA THR A 281 22.30 3.80 29.09
C THR A 281 23.08 4.06 27.81
N GLU A 282 22.89 3.20 26.82
CA GLU A 282 23.54 3.34 25.52
C GLU A 282 23.11 4.64 24.83
N LEU A 283 21.83 5.02 24.93
CA LEU A 283 21.38 6.27 24.32
C LEU A 283 22.10 7.45 24.95
N VAL A 284 22.23 7.42 26.28
CA VAL A 284 22.89 8.51 26.99
C VAL A 284 24.39 8.54 26.62
N GLN A 285 25.00 7.37 26.48
CA GLN A 285 26.37 7.29 26.00
C GLN A 285 26.55 7.88 24.60
N ARG A 286 25.62 7.59 23.69
CA ARG A 286 25.72 8.14 22.35
C ARG A 286 25.50 9.64 22.35
N ILE A 287 24.69 10.15 23.26
CA ILE A 287 24.52 11.59 23.37
C ILE A 287 25.86 12.19 23.78
N GLU A 288 26.54 11.53 24.71
CA GLU A 288 27.86 11.98 25.14
C GLU A 288 28.89 11.88 24.02
N ASN A 289 28.76 10.86 23.18
CA ASN A 289 29.75 10.57 22.13
C ASN A 289 29.37 11.08 20.74
N ASN A 290 28.33 11.89 20.66
CA ASN A 290 27.80 12.41 19.39
C ASN A 290 27.48 11.32 18.37
N GLY A 291 26.98 10.19 18.85
CA GLY A 291 26.55 9.13 17.95
C GLY A 291 27.09 7.76 18.32
N PRO A 292 26.94 6.79 17.40
CA PRO A 292 26.35 7.01 16.07
C PRO A 292 24.83 7.25 16.11
N PHE A 293 24.40 8.32 15.44
CA PHE A 293 22.99 8.63 15.30
C PHE A 293 22.52 8.40 13.87
N PRO A 294 21.27 7.95 13.69
CA PRO A 294 20.33 7.55 14.73
C PRO A 294 20.68 6.21 15.35
N MET A 295 20.27 5.99 16.59
CA MET A 295 20.27 4.64 17.15
C MET A 295 18.91 4.02 16.83
N PHE A 296 18.93 2.80 16.34
CA PHE A 296 17.70 2.04 16.09
C PHE A 296 17.53 1.00 17.19
N THR A 297 16.28 0.71 17.55
CA THR A 297 16.04 -0.41 18.45
C THR A 297 16.45 -1.71 17.77
N SER A 298 16.65 -2.75 18.57
CA SER A 298 17.13 -4.04 18.07
C SER A 298 16.33 -5.20 18.65
N CYS A 299 15.15 -4.91 19.19
CA CYS A 299 14.37 -5.89 19.96
C CYS A 299 13.41 -6.70 19.09
N CYS A 300 13.18 -6.23 17.86
CA CYS A 300 12.31 -6.91 16.91
C CYS A 300 13.13 -7.67 15.88
N PRO A 301 13.10 -9.02 15.92
CA PRO A 301 13.90 -9.82 14.99
C PRO A 301 13.40 -9.76 13.55
N GLY A 302 12.15 -9.37 13.35
CA GLY A 302 11.64 -9.13 12.01
C GLY A 302 12.33 -7.92 11.40
N TRP A 303 12.41 -6.85 12.18
CA TRP A 303 13.13 -5.65 11.78
C TRP A 303 14.62 -5.94 11.60
N VAL A 304 15.21 -6.72 12.50
CA VAL A 304 16.63 -7.05 12.33
C VAL A 304 16.84 -7.75 10.99
N ARG A 305 15.98 -8.72 10.64
CA ARG A 305 16.10 -9.37 9.34
C ARG A 305 15.88 -8.37 8.20
N GLN A 306 14.95 -7.45 8.37
CA GLN A 306 14.71 -6.45 7.33
C GLN A 306 15.97 -5.61 7.13
N ALA A 307 16.63 -5.24 8.23
CA ALA A 307 17.87 -4.46 8.11
C ALA A 307 18.96 -5.31 7.46
N GLU A 308 19.13 -6.54 7.91
CA GLU A 308 20.11 -7.45 7.30
C GLU A 308 19.84 -7.61 5.80
N ASN A 309 18.58 -7.77 5.42
CA ASN A 309 18.22 -8.10 4.05
C ASN A 309 18.10 -6.89 3.10
N TYR A 310 17.86 -5.69 3.65
CA TYR A 310 17.62 -4.52 2.81
C TYR A 310 18.46 -3.29 3.16
N TYR A 311 18.90 -3.20 4.41
CA TYR A 311 19.63 -2.00 4.87
C TYR A 311 20.81 -2.37 5.76
N PRO A 312 21.73 -3.19 5.23
CA PRO A 312 22.84 -3.70 6.06
C PRO A 312 23.73 -2.58 6.57
N GLU A 313 23.74 -1.44 5.88
CA GLU A 313 24.53 -0.29 6.31
C GLU A 313 24.04 0.30 7.63
N LEU A 314 22.82 -0.06 8.04
CA LEU A 314 22.27 0.46 9.30
C LEU A 314 22.58 -0.44 10.51
N LEU A 315 23.14 -1.63 10.26
CA LEU A 315 23.29 -2.59 11.35
C LEU A 315 24.16 -2.06 12.49
N ASN A 316 25.20 -1.28 12.17
CA ASN A 316 26.05 -0.77 13.23
C ASN A 316 25.35 0.28 14.08
N ASN A 317 24.26 0.84 13.56
CA ASN A 317 23.50 1.85 14.28
C ASN A 317 22.44 1.24 15.22
N LEU A 318 22.18 -0.04 15.07
CA LEU A 318 21.28 -0.72 16.00
C LEU A 318 21.85 -0.69 17.43
N SER A 319 20.96 -0.56 18.39
CA SER A 319 21.32 -0.74 19.79
C SER A 319 21.97 -2.09 20.00
N SER A 320 23.06 -2.11 20.76
CA SER A 320 23.72 -3.39 21.05
C SER A 320 23.00 -4.18 22.14
N ALA A 321 22.06 -3.56 22.86
CA ALA A 321 21.32 -4.28 23.89
C ALA A 321 20.61 -5.47 23.26
N LYS A 322 20.67 -6.64 23.89
CA LYS A 322 19.89 -7.77 23.42
C LYS A 322 18.40 -7.48 23.60
N SER A 323 17.58 -8.22 22.87
CA SER A 323 16.13 -8.09 22.99
C SER A 323 15.68 -8.62 24.35
N PRO A 324 14.44 -8.26 24.75
CA PRO A 324 13.94 -8.75 26.04
C PRO A 324 14.08 -10.26 26.16
N GLN A 325 13.76 -10.98 25.08
CA GLN A 325 13.91 -12.42 25.07
C GLN A 325 15.35 -12.88 25.28
N GLN A 326 16.26 -12.37 24.47
CA GLN A 326 17.62 -12.91 24.50
C GLN A 326 18.40 -12.40 25.71
N ILE A 327 18.10 -11.18 26.15
CA ILE A 327 18.81 -10.62 27.29
C ILE A 327 18.38 -11.38 28.55
N PHE A 328 17.10 -11.71 28.63
CA PHE A 328 16.58 -12.56 29.70
C PHE A 328 17.27 -13.91 29.68
N GLY A 329 17.32 -14.52 28.50
CA GLY A 329 17.92 -15.83 28.35
C GLY A 329 19.37 -15.85 28.81
N THR A 330 20.13 -14.84 28.40
CA THR A 330 21.53 -14.75 28.80
C THR A 330 21.67 -14.74 30.32
N ALA A 331 20.84 -13.93 30.97
CA ALA A 331 20.85 -13.85 32.43
C ALA A 331 20.41 -15.17 33.05
N SER A 332 19.53 -15.90 32.38
CA SER A 332 18.98 -17.13 32.95
C SER A 332 20.04 -18.24 33.05
N LYS A 333 21.11 -18.12 32.27
CA LYS A 333 22.17 -19.11 32.25
C LYS A 333 23.38 -18.70 33.07
N THR A 334 23.35 -17.48 33.61
CA THR A 334 24.50 -16.92 34.32
C THR A 334 24.10 -16.45 35.72
N TYR A 335 23.39 -15.33 35.77
CA TYR A 335 22.86 -14.81 37.03
C TYR A 335 22.00 -15.81 37.79
N TYR A 336 21.09 -16.48 37.09
CA TYR A 336 20.13 -17.33 37.80
C TYR A 336 20.80 -18.53 38.49
N PRO A 337 21.72 -19.22 37.81
CA PRO A 337 22.49 -20.23 38.57
C PRO A 337 23.21 -19.64 39.80
N SER A 338 23.67 -18.41 39.70
CA SER A 338 24.43 -17.79 40.79
C SER A 338 23.59 -17.57 42.06
N ILE A 339 22.27 -17.52 41.91
CA ILE A 339 21.38 -17.29 43.05
C ILE A 339 20.54 -18.52 43.39
N SER A 340 20.79 -19.64 42.70
CA SER A 340 19.97 -20.84 42.88
C SER A 340 20.76 -22.12 43.18
N GLY A 341 22.01 -22.17 42.73
CA GLY A 341 22.82 -23.38 42.86
C GLY A 341 22.64 -24.34 41.70
N LEU A 342 21.78 -23.98 40.76
CA LEU A 342 21.56 -24.84 39.60
C LEU A 342 22.81 -24.94 38.75
N ASP A 343 23.09 -26.14 38.23
CA ASP A 343 24.13 -26.29 37.22
C ASP A 343 23.64 -25.61 35.94
N PRO A 344 24.38 -24.62 35.43
CA PRO A 344 23.89 -23.89 34.25
C PRO A 344 23.48 -24.80 33.08
N LYS A 345 24.17 -25.92 32.88
CA LYS A 345 23.85 -26.77 31.75
C LYS A 345 22.50 -27.47 31.92
N ASN A 346 21.97 -27.48 33.14
CA ASN A 346 20.69 -28.14 33.40
C ASN A 346 19.52 -27.17 33.31
N VAL A 347 19.81 -25.89 33.18
CA VAL A 347 18.77 -24.89 33.00
C VAL A 347 18.31 -24.92 31.54
N PHE A 348 17.00 -24.99 31.35
CA PHE A 348 16.38 -25.02 30.03
C PHE A 348 15.37 -23.88 29.99
N THR A 349 15.63 -22.88 29.16
CA THR A 349 14.84 -21.65 29.20
C THR A 349 13.88 -21.58 28.03
N VAL A 350 12.60 -21.49 28.39
CA VAL A 350 11.49 -21.45 27.45
C VAL A 350 10.82 -20.09 27.49
N THR A 351 10.58 -19.49 26.33
CA THR A 351 9.74 -18.30 26.29
C THR A 351 8.44 -18.58 25.58
N VAL A 352 7.45 -17.77 25.92
CA VAL A 352 6.16 -17.75 25.26
C VAL A 352 6.08 -16.41 24.55
N MET A 353 5.92 -16.44 23.23
CA MET A 353 6.00 -15.25 22.40
C MET A 353 4.77 -15.07 21.52
N PRO A 354 4.40 -13.82 21.22
CA PRO A 354 3.33 -13.58 20.24
C PRO A 354 3.85 -13.65 18.79
N CYS A 355 5.02 -14.27 18.61
CA CYS A 355 5.88 -13.99 17.48
C CYS A 355 6.51 -15.25 16.92
N THR A 356 6.49 -15.41 15.61
CA THR A 356 7.21 -16.51 14.98
C THR A 356 8.70 -16.20 14.74
N SER A 357 9.03 -14.94 14.52
CA SER A 357 10.40 -14.53 14.23
C SER A 357 11.31 -14.74 15.46
N LYS A 358 10.72 -14.72 16.65
CA LYS A 358 11.46 -14.99 17.89
C LYS A 358 12.07 -16.39 17.91
N LYS A 359 11.47 -17.32 17.17
CA LYS A 359 12.05 -18.66 17.08
C LYS A 359 13.36 -18.62 16.32
N PHE A 360 13.40 -17.81 15.26
CA PHE A 360 14.62 -17.64 14.50
C PHE A 360 15.67 -16.95 15.35
N GLU A 361 15.26 -15.92 16.06
CA GLU A 361 16.18 -15.18 16.95
C GLU A 361 16.81 -16.12 17.98
N ALA A 362 15.99 -16.92 18.64
CA ALA A 362 16.50 -17.81 19.69
C ALA A 362 17.45 -18.87 19.13
N ASP A 363 17.30 -19.21 17.85
CA ASP A 363 18.14 -20.25 17.24
C ASP A 363 19.32 -19.68 16.43
N ARG A 364 19.58 -18.38 16.53
CA ARG A 364 20.76 -17.82 15.89
C ARG A 364 22.02 -18.43 16.51
N PRO A 365 22.95 -18.94 15.67
CA PRO A 365 24.12 -19.65 16.20
C PRO A 365 24.84 -18.96 17.35
N GLN A 366 25.02 -17.64 17.25
CA GLN A 366 25.82 -16.92 18.24
C GLN A 366 25.05 -16.45 19.47
N MET A 367 23.76 -16.79 19.56
CA MET A 367 22.95 -16.45 20.72
C MET A 367 23.14 -17.53 21.79
N GLU A 368 24.38 -17.61 22.26
CA GLU A 368 24.80 -18.57 23.27
C GLU A 368 26.13 -18.13 23.82
N LYS A 369 26.52 -18.73 24.94
CA LYS A 369 27.84 -18.51 25.51
C LYS A 369 28.26 -19.71 26.32
N ASP A 370 29.51 -20.11 26.16
CA ASP A 370 30.05 -21.28 26.85
C ASP A 370 29.19 -22.52 26.61
N GLY A 371 28.64 -22.62 25.40
CA GLY A 371 27.87 -23.78 24.98
C GLY A 371 26.43 -23.81 25.47
N LEU A 372 26.01 -22.73 26.12
CA LEU A 372 24.66 -22.62 26.67
C LEU A 372 23.84 -21.63 25.86
N ARG A 373 22.74 -22.10 25.28
CA ARG A 373 21.85 -21.24 24.53
C ARG A 373 21.25 -20.20 25.46
N ASP A 374 21.10 -18.95 24.98
CA ASP A 374 20.34 -17.96 25.74
C ASP A 374 18.94 -18.51 25.98
N ILE A 375 18.33 -18.99 24.90
CA ILE A 375 16.95 -19.47 24.89
C ILE A 375 16.88 -20.81 24.20
N ASP A 376 16.29 -21.79 24.88
CA ASP A 376 16.31 -23.17 24.37
C ASP A 376 15.06 -23.51 23.57
N ALA A 377 13.95 -22.85 23.86
CA ALA A 377 12.72 -23.07 23.12
C ALA A 377 11.85 -21.83 23.19
N VAL A 378 11.10 -21.60 22.12
CA VAL A 378 10.13 -20.52 22.03
C VAL A 378 8.82 -21.12 21.53
N ILE A 379 7.78 -20.99 22.34
CA ILE A 379 6.45 -21.42 21.91
C ILE A 379 5.58 -20.18 21.73
N THR A 380 4.75 -20.20 20.70
CA THR A 380 3.85 -19.08 20.46
C THR A 380 2.69 -19.07 21.45
N THR A 381 1.96 -17.96 21.48
CA THR A 381 0.73 -17.87 22.24
C THR A 381 -0.19 -19.03 21.88
N ARG A 382 -0.27 -19.34 20.59
CA ARG A 382 -1.12 -20.44 20.14
C ARG A 382 -0.64 -21.79 20.66
N GLU A 383 0.67 -22.01 20.62
CA GLU A 383 1.25 -23.24 21.13
C GLU A 383 0.99 -23.40 22.63
N LEU A 384 1.14 -22.32 23.40
CA LEU A 384 0.87 -22.42 24.83
C LEU A 384 -0.59 -22.79 25.06
N ALA A 385 -1.50 -22.20 24.30
CA ALA A 385 -2.92 -22.48 24.49
C ALA A 385 -3.19 -23.97 24.27
N LYS A 386 -2.58 -24.54 23.24
CA LYS A 386 -2.75 -25.95 22.91
C LYS A 386 -2.21 -26.82 24.02
N MET A 387 -1.04 -26.46 24.54
CA MET A 387 -0.43 -27.16 25.67
C MET A 387 -1.34 -27.17 26.88
N ILE A 388 -1.93 -26.01 27.20
CA ILE A 388 -2.84 -25.89 28.33
C ILE A 388 -4.08 -26.78 28.10
N LYS A 389 -4.65 -26.75 26.90
CA LYS A 389 -5.84 -27.54 26.61
C LYS A 389 -5.53 -29.04 26.63
N ASP A 390 -4.38 -29.42 26.09
CA ASP A 390 -3.99 -30.83 26.07
C ASP A 390 -3.88 -31.38 27.49
N ALA A 391 -3.43 -30.54 28.42
CA ALA A 391 -3.23 -30.93 29.81
C ALA A 391 -4.51 -30.86 30.64
N LYS A 392 -5.63 -30.55 29.98
CA LYS A 392 -6.95 -30.42 30.62
C LYS A 392 -6.95 -29.43 31.79
N ILE A 393 -6.19 -28.35 31.63
CA ILE A 393 -6.13 -27.29 32.64
C ILE A 393 -7.30 -26.32 32.43
N PRO A 394 -8.10 -26.05 33.50
CA PRO A 394 -9.31 -25.24 33.32
C PRO A 394 -8.99 -23.75 33.38
N PHE A 395 -8.35 -23.26 32.32
CA PHE A 395 -7.73 -21.94 32.31
C PHE A 395 -8.63 -20.83 32.82
N ALA A 396 -9.83 -20.72 32.27
CA ALA A 396 -10.73 -19.62 32.60
C ALA A 396 -11.23 -19.69 34.05
N LYS A 397 -11.02 -20.84 34.71
CA LYS A 397 -11.45 -21.04 36.09
C LYS A 397 -10.32 -20.90 37.10
N LEU A 398 -9.09 -20.72 36.63
CA LEU A 398 -7.94 -20.74 37.51
C LEU A 398 -7.90 -19.54 38.44
N GLU A 399 -7.37 -19.77 39.64
CA GLU A 399 -7.07 -18.67 40.56
C GLU A 399 -5.79 -17.98 40.08
N ASP A 400 -5.63 -16.72 40.45
CA ASP A 400 -4.40 -16.00 40.12
C ASP A 400 -3.25 -16.46 41.01
N SER A 401 -2.05 -16.54 40.44
CA SER A 401 -0.84 -16.65 41.23
C SER A 401 0.16 -15.61 40.74
N GLU A 402 1.34 -15.61 41.36
CA GLU A 402 2.37 -14.63 41.05
C GLU A 402 3.58 -15.31 40.43
N ALA A 403 4.37 -14.51 39.73
CA ALA A 403 5.64 -14.99 39.20
C ALA A 403 6.65 -15.14 40.33
N ASP A 404 7.62 -16.01 40.12
CA ASP A 404 8.78 -16.04 40.99
C ASP A 404 9.53 -14.71 40.77
N PRO A 405 9.83 -13.97 41.85
CA PRO A 405 10.20 -12.56 41.67
C PRO A 405 11.61 -12.27 41.12
N ALA A 406 12.57 -13.17 41.30
CA ALA A 406 13.99 -12.84 41.05
C ALA A 406 14.23 -12.41 39.59
N MET A 407 13.50 -13.02 38.67
CA MET A 407 13.52 -12.59 37.26
C MET A 407 12.07 -12.51 36.75
N GLY A 408 11.17 -12.13 37.65
CA GLY A 408 9.75 -12.07 37.34
C GLY A 408 9.10 -10.72 37.61
N GLU A 409 9.67 -9.92 38.51
CA GLU A 409 9.17 -8.57 38.72
C GLU A 409 9.29 -7.78 37.44
N TYR A 410 8.34 -6.87 37.20
CA TYR A 410 8.50 -5.93 36.11
C TYR A 410 7.86 -4.59 36.39
N SER A 411 8.44 -3.57 35.78
CA SER A 411 7.91 -2.21 35.84
C SER A 411 6.88 -1.97 34.73
N GLY A 412 6.17 -0.86 34.83
CA GLY A 412 5.22 -0.47 33.80
C GLY A 412 5.88 -0.21 32.45
N ALA A 413 7.17 0.15 32.48
CA ALA A 413 7.91 0.42 31.25
C ALA A 413 8.10 -0.89 30.46
N GLY A 414 8.46 -1.96 31.15
CA GLY A 414 8.64 -3.25 30.48
C GLY A 414 7.29 -3.75 29.98
N ALA A 415 6.25 -3.45 30.74
CA ALA A 415 4.92 -3.97 30.45
C ALA A 415 4.39 -3.51 29.10
N ILE A 416 4.79 -2.33 28.64
CA ILE A 416 4.23 -1.79 27.41
C ILE A 416 5.03 -2.13 26.13
N PHE A 417 6.05 -2.99 26.25
CA PHE A 417 6.88 -3.32 25.10
C PHE A 417 6.05 -3.90 23.96
N GLY A 418 4.95 -4.57 24.30
CA GLY A 418 4.12 -5.25 23.31
C GLY A 418 3.34 -4.35 22.36
N ALA A 419 3.31 -3.06 22.66
CA ALA A 419 2.62 -2.09 21.82
C ALA A 419 3.63 -1.27 21.01
N THR A 420 3.26 -0.91 19.79
CA THR A 420 4.08 0.00 18.99
C THR A 420 4.31 1.29 19.75
N GLY A 421 5.57 1.68 19.89
CA GLY A 421 5.93 2.85 20.66
C GLY A 421 6.30 2.50 22.09
N GLY A 422 6.17 1.23 22.47
CA GLY A 422 6.38 0.83 23.85
C GLY A 422 7.84 0.92 24.26
N VAL A 423 8.73 0.33 23.48
CA VAL A 423 10.15 0.36 23.83
C VAL A 423 10.62 1.82 23.78
N MET A 424 10.13 2.59 22.80
CA MET A 424 10.48 4.01 22.73
C MET A 424 10.11 4.72 24.02
N GLU A 425 8.85 4.61 24.44
CA GLU A 425 8.39 5.27 25.66
C GLU A 425 9.18 4.80 26.88
N ALA A 426 9.33 3.48 27.01
CA ALA A 426 10.06 2.89 28.14
C ALA A 426 11.50 3.40 28.19
N ALA A 427 12.15 3.45 27.03
CA ALA A 427 13.54 3.90 26.94
C ALA A 427 13.67 5.36 27.35
N LEU A 428 12.75 6.19 26.88
CA LEU A 428 12.83 7.61 27.18
C LEU A 428 12.65 7.88 28.66
N ARG A 429 11.77 7.15 29.31
CA ARG A 429 11.59 7.31 30.76
C ARG A 429 12.90 7.16 31.52
N SER A 430 13.67 6.14 31.17
CA SER A 430 14.93 5.90 31.86
C SER A 430 16.04 6.82 31.35
N ALA A 431 16.11 7.03 30.04
CA ALA A 431 17.19 7.83 29.46
C ALA A 431 17.15 9.27 29.95
N LYS A 432 15.96 9.86 30.05
CA LYS A 432 15.86 11.25 30.49
C LYS A 432 16.22 11.35 31.96
N ASP A 433 15.73 10.43 32.79
CA ASP A 433 16.12 10.38 34.19
C ASP A 433 17.64 10.23 34.32
N PHE A 434 18.23 9.32 33.53
CA PHE A 434 19.67 9.08 33.61
C PHE A 434 20.46 10.34 33.21
N ALA A 435 20.09 10.94 32.09
CA ALA A 435 20.83 12.08 31.55
C ALA A 435 20.73 13.31 32.44
N GLU A 436 19.57 13.50 33.08
CA GLU A 436 19.35 14.67 33.93
C GLU A 436 19.59 14.38 35.40
N ASN A 437 20.05 13.17 35.71
CA ASN A 437 20.21 12.72 37.08
C ASN A 437 18.99 13.06 37.93
N ALA A 438 17.81 12.75 37.41
CA ALA A 438 16.56 13.15 38.04
C ALA A 438 15.59 11.98 38.14
N GLU A 439 14.49 12.23 38.85
CA GLU A 439 13.37 11.30 38.94
C GLU A 439 12.12 12.05 38.52
N LEU A 440 11.92 12.15 37.21
CA LEU A 440 10.86 13.01 36.68
C LEU A 440 9.49 12.39 36.88
N GLU A 441 8.51 13.25 37.14
CA GLU A 441 7.13 12.83 37.36
C GLU A 441 6.40 12.62 36.04
N ASP A 442 6.74 13.44 35.06
CA ASP A 442 6.08 13.39 33.75
C ASP A 442 6.74 12.31 32.91
N ILE A 443 6.05 11.20 32.72
CA ILE A 443 6.65 10.02 32.10
C ILE A 443 5.83 9.42 30.97
N GLU A 444 4.67 9.99 30.67
CA GLU A 444 3.81 9.43 29.63
C GLU A 444 4.04 10.14 28.30
N TYR A 445 4.54 9.37 27.35
CA TYR A 445 4.89 9.88 26.03
C TYR A 445 3.81 9.51 25.03
N LYS A 446 2.63 10.11 25.18
CA LYS A 446 1.50 9.68 24.37
C LYS A 446 1.72 9.96 22.89
N GLN A 447 2.65 10.85 22.57
CA GLN A 447 2.95 11.21 21.18
C GLN A 447 3.50 10.06 20.35
N VAL A 448 4.09 9.05 21.00
CA VAL A 448 4.66 7.94 20.25
C VAL A 448 3.74 6.73 20.21
N ARG A 449 2.56 6.85 20.82
CA ARG A 449 1.62 5.73 20.90
C ARG A 449 0.67 5.68 19.71
N GLY A 450 0.04 4.52 19.55
CA GLY A 450 -1.06 4.38 18.60
C GLY A 450 -0.68 3.84 17.24
N LEU A 451 -1.67 3.80 16.36
CA LEU A 451 -1.56 3.01 15.15
C LEU A 451 -1.10 3.75 13.90
N ASN A 452 -0.77 5.04 14.02
CA ASN A 452 -0.18 5.72 12.87
C ASN A 452 1.12 4.99 12.51
N GLY A 453 1.40 4.91 11.21
CA GLY A 453 2.49 4.09 10.72
C GLY A 453 3.88 4.62 11.03
N ILE A 454 4.00 5.95 11.04
CA ILE A 454 5.24 6.63 11.36
C ILE A 454 4.88 7.75 12.33
N LYS A 455 5.48 7.71 13.51
CA LYS A 455 5.17 8.65 14.59
C LYS A 455 6.45 9.30 15.07
N GLU A 456 6.49 10.62 15.11
CA GLU A 456 7.69 11.31 15.55
C GLU A 456 7.40 12.22 16.72
N ALA A 457 8.45 12.59 17.43
CA ALA A 457 8.33 13.49 18.56
C ALA A 457 9.67 14.15 18.80
N GLU A 458 9.63 15.35 19.35
CA GLU A 458 10.82 16.04 19.82
C GLU A 458 10.85 15.92 21.33
N VAL A 459 11.95 15.42 21.86
CA VAL A 459 12.05 15.17 23.28
C VAL A 459 13.23 15.95 23.84
N GLU A 460 12.98 16.69 24.91
CA GLU A 460 14.03 17.44 25.55
C GLU A 460 14.74 16.54 26.54
N ILE A 461 16.06 16.47 26.41
CA ILE A 461 16.88 15.73 27.35
C ILE A 461 18.05 16.60 27.77
N ASN A 462 18.07 16.94 29.05
CA ASN A 462 19.16 17.72 29.61
C ASN A 462 19.34 19.01 28.82
N ASN A 463 18.22 19.65 28.50
CA ASN A 463 18.16 20.97 27.86
C ASN A 463 18.68 21.02 26.42
N ASN A 464 18.53 19.92 25.69
CA ASN A 464 18.66 19.91 24.23
C ASN A 464 17.52 19.11 23.63
N LYS A 465 17.15 19.43 22.39
CA LYS A 465 16.04 18.77 21.71
C LYS A 465 16.52 17.63 20.83
N TYR A 466 15.98 16.43 21.04
CA TYR A 466 16.34 15.26 20.25
C TYR A 466 15.13 14.78 19.48
N ASN A 467 15.38 14.22 18.30
CA ASN A 467 14.32 13.79 17.41
C ASN A 467 14.21 12.28 17.46
N VAL A 468 13.00 11.80 17.77
CA VAL A 468 12.76 10.37 17.84
C VAL A 468 11.65 10.03 16.85
N ALA A 469 11.65 8.77 16.40
CA ALA A 469 10.59 8.29 15.53
C ALA A 469 10.24 6.87 15.91
N VAL A 470 8.96 6.54 15.75
CA VAL A 470 8.49 5.18 15.92
C VAL A 470 7.94 4.69 14.59
N ILE A 471 8.57 3.65 14.06
CA ILE A 471 8.16 3.02 12.81
C ILE A 471 7.33 1.80 13.18
N ASN A 472 6.11 1.80 12.68
CA ASN A 472 5.07 0.86 13.10
C ASN A 472 4.67 -0.03 11.93
N GLY A 473 5.40 -1.13 11.74
CA GLY A 473 5.17 -2.06 10.65
C GLY A 473 6.28 -2.02 9.60
N ALA A 474 6.64 -3.20 9.08
CA ALA A 474 7.75 -3.30 8.14
C ALA A 474 7.54 -2.50 6.85
N SER A 475 6.29 -2.43 6.39
CA SER A 475 5.98 -1.63 5.20
C SER A 475 6.29 -0.16 5.45
N ASN A 476 6.11 0.30 6.68
CA ASN A 476 6.37 1.69 7.00
C ASN A 476 7.85 1.98 7.16
N LEU A 477 8.64 0.96 7.49
CA LEU A 477 10.08 1.13 7.46
C LEU A 477 10.51 1.40 6.00
N PHE A 478 10.02 0.60 5.06
CA PHE A 478 10.35 0.84 3.66
C PHE A 478 9.90 2.24 3.25
N LYS A 479 8.70 2.66 3.65
CA LYS A 479 8.22 3.99 3.32
C LYS A 479 9.17 5.08 3.86
N PHE A 480 9.53 4.95 5.13
CA PHE A 480 10.40 5.89 5.82
C PHE A 480 11.74 6.04 5.10
N MET A 481 12.31 4.92 4.68
CA MET A 481 13.61 4.92 4.01
C MET A 481 13.51 5.35 2.53
N LYS A 482 12.59 4.75 1.80
CA LYS A 482 12.52 4.96 0.35
C LYS A 482 12.04 6.37 -0.01
N SER A 483 11.22 6.95 0.84
CA SER A 483 10.66 8.29 0.61
C SER A 483 11.66 9.40 0.97
N GLY A 484 12.76 9.01 1.60
CA GLY A 484 13.76 9.96 2.04
C GLY A 484 13.42 10.68 3.33
N MET A 485 12.37 10.23 4.03
CA MET A 485 12.00 10.85 5.30
C MET A 485 13.16 10.80 6.26
N ILE A 486 13.94 9.75 6.15
CA ILE A 486 15.12 9.52 6.99
C ILE A 486 16.12 10.67 6.88
N ASN A 487 16.04 11.43 5.78
CA ASN A 487 16.98 12.52 5.54
C ASN A 487 16.38 13.93 5.69
N GLU A 488 15.19 14.03 6.28
CA GLU A 488 14.56 15.34 6.49
C GLU A 488 15.11 16.07 7.70
N LYS A 489 15.69 15.31 8.63
CA LYS A 489 16.24 15.88 9.85
C LYS A 489 17.21 14.89 10.45
N GLN A 490 17.94 15.33 11.46
CA GLN A 490 18.75 14.40 12.24
C GLN A 490 17.87 13.63 13.20
N TYR A 491 17.74 12.32 12.99
CA TYR A 491 17.08 11.47 13.96
C TYR A 491 18.10 10.95 14.96
N HIS A 492 17.71 10.85 16.23
CA HIS A 492 18.62 10.38 17.27
C HIS A 492 18.27 8.97 17.76
N PHE A 493 16.99 8.65 17.78
CA PHE A 493 16.54 7.37 18.33
C PHE A 493 15.27 6.95 17.60
N ILE A 494 15.29 5.75 17.02
CA ILE A 494 14.21 5.26 16.18
C ILE A 494 13.82 3.85 16.58
N GLU A 495 12.55 3.66 16.95
CA GLU A 495 12.00 2.33 17.19
C GLU A 495 11.47 1.77 15.88
N VAL A 496 11.74 0.50 15.62
CA VAL A 496 11.12 -0.18 14.49
C VAL A 496 10.51 -1.51 14.95
N MET A 497 9.22 -1.68 14.66
CA MET A 497 8.52 -2.97 14.78
C MET A 497 8.09 -3.44 13.41
N ALA A 498 8.25 -4.74 13.15
CA ALA A 498 7.84 -5.30 11.87
C ALA A 498 6.34 -5.50 11.72
N CYS A 499 5.65 -5.74 12.84
CA CYS A 499 4.20 -5.99 12.79
C CYS A 499 3.45 -4.73 13.16
N HIS A 500 2.55 -4.30 12.29
CA HIS A 500 1.77 -3.11 12.57
C HIS A 500 0.93 -3.31 13.84
N GLY A 501 0.99 -2.33 14.74
CA GLY A 501 0.39 -2.44 16.06
C GLY A 501 1.40 -2.86 17.12
N GLY A 502 2.54 -3.39 16.66
CA GLY A 502 3.54 -3.95 17.56
C GLY A 502 3.26 -5.42 17.84
N CYS A 503 3.92 -5.95 18.87
CA CYS A 503 3.91 -7.40 19.09
C CYS A 503 2.53 -7.96 19.46
N VAL A 504 1.63 -7.11 19.93
CA VAL A 504 0.27 -7.57 20.19
C VAL A 504 -0.37 -8.11 18.91
N ASN A 505 0.16 -7.70 17.76
CA ASN A 505 -0.34 -8.16 16.46
C ASN A 505 0.66 -9.10 15.80
N GLY A 506 1.44 -9.80 16.60
CA GLY A 506 2.47 -10.67 16.07
C GLY A 506 1.96 -11.93 15.39
N GLY A 507 2.88 -12.62 14.72
CA GLY A 507 2.53 -13.76 13.88
C GLY A 507 2.24 -15.04 14.64
N GLY A 508 2.50 -15.04 15.94
CA GLY A 508 2.23 -16.19 16.80
C GLY A 508 0.95 -16.02 17.62
N GLN A 509 0.19 -14.98 17.32
CA GLN A 509 -0.99 -14.64 18.12
C GLN A 509 -2.21 -15.44 17.72
N PRO A 510 -3.24 -15.44 18.59
CA PRO A 510 -4.47 -16.16 18.19
C PRO A 510 -5.04 -15.61 16.90
N HIS A 511 -5.52 -16.49 16.03
CA HIS A 511 -6.23 -16.05 14.86
C HIS A 511 -7.53 -15.38 15.27
N VAL A 512 -7.95 -14.42 14.47
CA VAL A 512 -9.22 -13.73 14.67
C VAL A 512 -10.02 -13.84 13.38
N ASN A 513 -11.27 -14.25 13.51
CA ASN A 513 -12.17 -14.36 12.36
C ASN A 513 -12.35 -12.99 11.71
N PRO A 514 -12.37 -12.93 10.37
CA PRO A 514 -12.55 -11.64 9.69
C PRO A 514 -13.78 -10.87 10.15
N LYS A 515 -14.85 -11.57 10.53
CA LYS A 515 -16.05 -10.88 11.00
C LYS A 515 -15.79 -10.18 12.34
N ASP A 516 -14.99 -10.80 13.20
CA ASP A 516 -14.65 -10.20 14.49
C ASP A 516 -13.70 -9.03 14.30
N LEU A 517 -12.81 -9.11 13.31
CA LEU A 517 -11.90 -8.01 13.04
C LEU A 517 -12.66 -6.76 12.61
N GLU A 518 -13.84 -6.96 12.03
CA GLU A 518 -14.69 -5.85 11.63
C GLU A 518 -15.30 -5.15 12.84
N LYS A 519 -15.43 -5.89 13.95
CA LYS A 519 -16.12 -5.38 15.14
C LYS A 519 -15.16 -4.96 16.26
N VAL A 520 -13.97 -5.54 16.26
CA VAL A 520 -13.00 -5.31 17.34
C VAL A 520 -11.68 -4.82 16.74
N ASP A 521 -11.15 -3.73 17.29
CA ASP A 521 -9.82 -3.23 16.92
C ASP A 521 -8.80 -4.02 17.73
N ILE A 522 -8.34 -5.13 17.19
CA ILE A 522 -7.56 -6.08 17.94
C ILE A 522 -6.23 -5.47 18.41
N LYS A 523 -5.66 -4.59 17.62
CA LYS A 523 -4.37 -3.97 17.96
C LYS A 523 -4.51 -3.05 19.17
N LYS A 524 -5.60 -2.29 19.17
CA LYS A 524 -5.86 -1.35 20.26
C LYS A 524 -6.29 -2.10 21.52
N VAL A 525 -7.18 -3.07 21.36
CA VAL A 525 -7.74 -3.76 22.52
C VAL A 525 -6.69 -4.61 23.24
N ARG A 526 -5.85 -5.31 22.50
CA ARG A 526 -4.78 -6.04 23.15
C ARG A 526 -3.80 -5.06 23.81
N ALA A 527 -3.45 -3.98 23.11
CA ALA A 527 -2.48 -3.04 23.68
C ALA A 527 -3.01 -2.36 24.95
N SER A 528 -4.33 -2.16 25.01
CA SER A 528 -4.94 -1.51 26.17
C SER A 528 -4.63 -2.24 27.47
N VAL A 529 -4.57 -3.57 27.42
CA VAL A 529 -4.24 -4.35 28.61
C VAL A 529 -2.86 -3.95 29.14
N LEU A 530 -1.93 -3.73 28.23
CA LEU A 530 -0.56 -3.44 28.60
C LEU A 530 -0.44 -2.02 29.19
N TYR A 531 -1.04 -1.03 28.53
CA TYR A 531 -1.01 0.32 29.04
C TYR A 531 -1.76 0.41 30.38
N ASN A 532 -2.81 -0.39 30.54
CA ASN A 532 -3.53 -0.43 31.80
C ASN A 532 -2.62 -0.95 32.91
N GLN A 533 -1.82 -1.98 32.64
CA GLN A 533 -0.89 -2.47 33.65
C GLN A 533 0.09 -1.37 34.06
N ASP A 534 0.62 -0.68 33.07
CA ASP A 534 1.58 0.40 33.30
C ASP A 534 0.98 1.45 34.24
N GLU A 535 -0.24 1.88 33.93
CA GLU A 535 -0.91 2.90 34.74
C GLU A 535 -1.09 2.50 36.20
N HIS A 536 -1.22 1.20 36.45
CA HIS A 536 -1.57 0.73 37.79
C HIS A 536 -0.38 0.19 38.58
N LEU A 537 0.78 0.08 37.94
CA LEU A 537 1.98 -0.38 38.63
C LEU A 537 2.62 0.78 39.42
N SER A 538 3.18 0.45 40.57
CA SER A 538 3.85 1.44 41.40
C SER A 538 5.14 1.89 40.72
N LYS A 539 5.89 0.93 40.16
CA LYS A 539 7.12 1.26 39.44
C LYS A 539 6.82 1.32 37.96
N ARG A 540 7.10 2.46 37.34
CA ARG A 540 6.81 2.65 35.92
C ARG A 540 8.06 3.00 35.13
N LYS A 541 9.22 2.73 35.73
CA LYS A 541 10.52 2.90 35.09
C LYS A 541 11.33 1.64 35.29
N SER A 542 11.99 1.20 34.22
CA SER A 542 12.70 -0.07 34.24
C SER A 542 13.78 -0.12 35.32
N HIS A 543 14.42 1.02 35.59
CA HIS A 543 15.52 1.04 36.55
C HIS A 543 15.01 1.09 37.99
N GLU A 544 13.69 1.10 38.18
CA GLU A 544 13.09 1.05 39.52
C GLU A 544 12.59 -0.35 39.88
N ASN A 545 12.79 -1.29 38.97
CA ASN A 545 12.50 -2.70 39.21
C ASN A 545 13.44 -3.25 40.28
N THR A 546 12.91 -3.62 41.44
CA THR A 546 13.78 -3.94 42.58
C THR A 546 14.59 -5.21 42.38
N ALA A 547 13.96 -6.22 41.81
CA ALA A 547 14.66 -7.48 41.52
C ALA A 547 15.76 -7.25 40.49
N LEU A 548 15.51 -6.35 39.54
CA LEU A 548 16.50 -6.00 38.54
C LEU A 548 17.67 -5.25 39.19
N VAL A 549 17.35 -4.32 40.07
CA VAL A 549 18.40 -3.52 40.72
C VAL A 549 19.30 -4.45 41.53
N LYS A 550 18.68 -5.39 42.26
CA LYS A 550 19.45 -6.39 43.01
C LYS A 550 20.37 -7.18 42.09
N MET A 551 19.85 -7.57 40.91
CA MET A 551 20.62 -8.38 39.98
C MET A 551 21.85 -7.62 39.47
N TYR A 552 21.70 -6.34 39.17
CA TYR A 552 22.84 -5.54 38.75
C TYR A 552 23.81 -5.33 39.92
N GLN A 553 23.29 -4.95 41.08
CA GLN A 553 24.14 -4.68 42.24
C GLN A 553 24.93 -5.91 42.69
N ASN A 554 24.34 -7.09 42.55
CA ASN A 554 24.97 -8.31 43.05
C ASN A 554 25.70 -9.13 41.99
N TYR A 555 25.42 -8.88 40.71
CA TYR A 555 26.00 -9.71 39.66
C TYR A 555 26.55 -8.95 38.44
N PHE A 556 25.73 -8.12 37.80
CA PHE A 556 26.16 -7.53 36.53
C PHE A 556 26.94 -6.23 36.65
N GLY A 557 26.80 -5.55 37.79
CA GLY A 557 27.50 -4.30 38.02
C GLY A 557 26.68 -3.11 37.57
N LYS A 558 27.18 -2.41 36.56
CA LYS A 558 26.47 -1.24 36.01
C LYS A 558 26.16 -1.46 34.53
N PRO A 559 24.99 -1.00 34.10
CA PRO A 559 24.65 -1.20 32.68
C PRO A 559 25.65 -0.50 31.76
N GLY A 560 25.85 -1.07 30.57
CA GLY A 560 26.69 -0.44 29.56
C GLY A 560 28.16 -0.47 29.90
N GLU A 561 28.52 -1.18 30.96
CA GLU A 561 29.91 -1.34 31.40
C GLU A 561 30.18 -2.79 31.79
N GLY A 562 31.46 -3.13 31.93
CA GLY A 562 31.86 -4.37 32.57
C GLY A 562 31.15 -5.63 32.07
N ARG A 563 30.71 -6.45 33.02
CA ARG A 563 30.08 -7.73 32.71
C ARG A 563 28.79 -7.55 31.90
N ALA A 564 28.02 -6.53 32.22
CA ALA A 564 26.77 -6.28 31.51
C ALA A 564 27.06 -6.05 30.02
N HIS A 565 28.02 -5.18 29.74
CA HIS A 565 28.38 -4.87 28.37
C HIS A 565 28.92 -6.12 27.68
N GLU A 566 29.64 -6.94 28.43
CA GLU A 566 30.31 -8.10 27.86
C GLU A 566 29.33 -9.17 27.38
N ILE A 567 28.27 -9.43 28.13
CA ILE A 567 27.41 -10.56 27.80
C ILE A 567 25.94 -10.24 27.52
N LEU A 568 25.46 -9.05 27.86
CA LEU A 568 24.05 -8.72 27.62
C LEU A 568 23.84 -7.98 26.28
N HIS A 569 24.88 -7.92 25.46
CA HIS A 569 24.84 -7.17 24.21
C HIS A 569 25.11 -8.09 23.02
N PHE A 570 24.73 -7.62 21.84
CA PHE A 570 24.87 -8.39 20.61
C PHE A 570 24.88 -7.43 19.43
N LYS A 571 25.94 -7.48 18.63
CA LYS A 571 26.05 -6.66 17.43
C LYS A 571 25.87 -7.52 16.18
N TYR A 572 25.15 -6.97 15.21
CA TYR A 572 24.95 -7.62 13.93
C TYR A 572 25.93 -7.08 12.91
N LYS A 573 26.44 -7.97 12.08
CA LYS A 573 27.43 -7.64 11.05
C LYS A 573 26.94 -8.12 9.70
N LYS A 574 27.20 -7.34 8.66
CA LYS A 574 27.01 -7.80 7.29
C LYS A 574 28.07 -8.84 6.97
N SER A 575 27.66 -9.98 6.42
CA SER A 575 28.60 -11.05 6.08
C SER A 575 28.04 -11.92 4.97
N ALA A 576 28.91 -12.69 4.33
CA ALA A 576 28.48 -13.61 3.28
C ALA A 576 27.55 -14.67 3.84
N TRP A 577 26.52 -15.01 3.07
CA TRP A 577 25.54 -16.01 3.50
C TRP A 577 26.23 -17.33 3.83
N SER A 578 25.74 -18.02 4.85
CA SER A 578 26.17 -19.37 5.15
C SER A 578 25.04 -20.13 5.82
N HIS A 579 25.05 -21.45 5.65
CA HIS A 579 24.18 -22.32 6.41
C HIS A 579 24.52 -22.11 7.89
N PRO A 580 23.50 -22.04 8.78
CA PRO A 580 23.78 -21.69 10.18
C PRO A 580 24.78 -22.61 10.87
N GLN A 581 24.97 -23.81 10.32
CA GLN A 581 25.98 -24.76 10.79
C GLN A 581 27.37 -24.14 10.88
N PHE A 582 27.59 -23.06 10.13
CA PHE A 582 28.93 -22.48 10.01
C PHE A 582 29.00 -21.09 10.63
N MET B 1 -20.55 1.72 22.08
CA MET B 1 -20.92 3.07 21.57
C MET B 1 -19.95 4.14 22.08
N LYS B 2 -19.75 5.18 21.29
CA LYS B 2 -18.96 6.34 21.70
C LYS B 2 -19.82 7.58 21.80
N THR B 3 -19.54 8.43 22.76
CA THR B 3 -20.14 9.76 22.79
C THR B 3 -19.07 10.82 22.55
N ILE B 4 -19.30 11.59 21.49
CA ILE B 4 -18.42 12.67 21.05
C ILE B 4 -19.15 14.01 21.12
N ILE B 5 -18.51 15.03 21.69
CA ILE B 5 -19.02 16.39 21.59
C ILE B 5 -18.11 17.21 20.69
N ILE B 6 -18.69 17.82 19.65
CA ILE B 6 -17.94 18.70 18.76
C ILE B 6 -18.67 20.04 18.66
N ASN B 7 -17.99 21.09 19.07
CA ASN B 7 -18.54 22.45 19.08
C ASN B 7 -19.92 22.48 19.72
N GLY B 8 -20.04 21.78 20.85
CA GLY B 8 -21.25 21.82 21.66
C GLY B 8 -22.33 20.84 21.21
N VAL B 9 -22.06 20.10 20.14
CA VAL B 9 -23.03 19.17 19.58
C VAL B 9 -22.65 17.74 19.92
N GLN B 10 -23.59 17.00 20.50
CA GLN B 10 -23.33 15.63 20.93
C GLN B 10 -23.62 14.66 19.80
N PHE B 11 -22.71 13.71 19.64
CA PHE B 11 -22.86 12.63 18.66
C PHE B 11 -22.71 11.30 19.37
N ASN B 12 -23.58 10.36 19.02
CA ASN B 12 -23.44 8.97 19.46
C ASN B 12 -23.07 8.13 18.25
N THR B 13 -21.95 7.44 18.32
CA THR B 13 -21.42 6.72 17.17
C THR B 13 -20.61 5.51 17.61
N ASP B 14 -20.55 4.50 16.74
CA ASP B 14 -19.61 3.39 16.93
C ASP B 14 -18.59 3.39 15.79
N GLU B 15 -18.59 4.46 14.99
CA GLU B 15 -17.55 4.69 14.00
C GLU B 15 -16.17 4.62 14.63
N ASP B 16 -15.23 3.97 13.93
CA ASP B 16 -13.82 4.03 14.28
C ASP B 16 -13.12 4.81 13.18
N THR B 17 -12.89 6.09 13.43
CA THR B 17 -12.40 6.97 12.39
C THR B 17 -11.73 8.18 13.02
N THR B 18 -11.18 9.06 12.19
CA THR B 18 -10.49 10.23 12.69
C THR B 18 -11.46 11.36 12.97
N ILE B 19 -11.03 12.32 13.78
CA ILE B 19 -11.81 13.52 14.02
C ILE B 19 -12.14 14.23 12.70
N LEU B 20 -11.14 14.35 11.82
CA LEU B 20 -11.35 15.03 10.55
C LEU B 20 -12.41 14.33 9.70
N LYS B 21 -12.31 13.01 9.59
CA LYS B 21 -13.23 12.27 8.74
C LYS B 21 -14.63 12.32 9.35
N PHE B 22 -14.73 12.19 10.66
CA PHE B 22 -16.02 12.25 11.32
C PHE B 22 -16.65 13.63 11.16
N ALA B 23 -15.83 14.66 11.33
CA ALA B 23 -16.31 16.03 11.20
C ALA B 23 -16.81 16.31 9.79
N ARG B 24 -16.04 15.87 8.80
CA ARG B 24 -16.40 16.08 7.39
C ARG B 24 -17.68 15.29 7.04
N ASP B 25 -17.84 14.10 7.62
CA ASP B 25 -19.04 13.30 7.39
C ASP B 25 -20.29 13.96 8.01
N ASN B 26 -20.07 14.85 8.96
CA ASN B 26 -21.17 15.48 9.70
C ASN B 26 -21.22 17.00 9.48
N ASN B 27 -20.68 17.45 8.34
CA ASN B 27 -20.71 18.85 7.92
C ASN B 27 -20.18 19.82 8.98
N ILE B 28 -19.09 19.43 9.61
CA ILE B 28 -18.34 20.29 10.51
C ILE B 28 -17.06 20.68 9.80
N ASP B 29 -16.81 21.97 9.67
CA ASP B 29 -15.64 22.44 8.91
C ASP B 29 -14.36 22.28 9.71
N ILE B 30 -13.44 21.49 9.15
CA ILE B 30 -12.06 21.47 9.64
C ILE B 30 -11.17 21.60 8.42
N SER B 31 -10.17 22.46 8.52
CA SER B 31 -9.22 22.66 7.45
C SER B 31 -8.20 21.53 7.42
N ALA B 32 -7.59 21.33 6.26
CA ALA B 32 -6.49 20.39 6.16
C ALA B 32 -5.61 20.80 5.00
N LEU B 33 -4.33 20.45 5.07
CA LEU B 33 -3.42 20.71 3.96
C LEU B 33 -2.65 19.46 3.57
N CYS B 34 -1.81 18.94 4.46
CA CYS B 34 -0.92 17.85 4.06
C CYS B 34 -1.63 16.50 4.04
N PHE B 35 -2.84 16.42 4.59
CA PHE B 35 -3.62 15.18 4.52
C PHE B 35 -4.24 14.98 3.14
N LEU B 36 -3.90 13.86 2.50
CA LEU B 36 -4.44 13.48 1.20
C LEU B 36 -4.19 11.99 1.03
N ASN B 37 -5.05 11.32 0.24
CA ASN B 37 -4.88 9.89 -0.01
C ASN B 37 -4.73 9.09 1.29
N ASN B 38 -5.53 9.46 2.27
CA ASN B 38 -5.58 8.81 3.57
C ASN B 38 -4.25 8.80 4.32
N CYS B 39 -3.42 9.80 4.09
CA CYS B 39 -2.15 9.92 4.78
CA CYS B 39 -2.15 9.91 4.76
C CYS B 39 -1.75 11.38 4.90
N ASN B 40 -1.08 11.72 6.00
CA ASN B 40 -0.56 13.07 6.16
C ASN B 40 0.96 13.01 6.16
N ASN B 41 1.61 14.16 6.35
CA ASN B 41 3.07 14.22 6.33
C ASN B 41 3.63 13.86 7.70
N ASP B 42 3.87 12.58 7.94
CA ASP B 42 4.17 12.09 9.28
C ASP B 42 5.36 12.76 9.90
N ILE B 43 6.32 13.13 9.07
CA ILE B 43 7.43 13.95 9.51
C ILE B 43 7.13 15.40 9.11
N ASN B 44 7.19 16.30 10.08
CA ASN B 44 6.82 17.69 9.89
C ASN B 44 5.38 17.89 9.39
N LYS B 45 4.44 17.36 10.18
CA LYS B 45 3.01 17.57 9.95
C LYS B 45 2.67 19.06 9.86
N CYS B 46 1.77 19.41 8.95
CA CYS B 46 1.41 20.82 8.74
C CYS B 46 0.62 21.42 9.90
N GLU B 47 -0.16 20.58 10.58
CA GLU B 47 -1.00 20.98 11.72
C GLU B 47 -2.12 21.97 11.37
N ILE B 48 -2.47 22.06 10.10
CA ILE B 48 -3.57 22.96 9.68
C ILE B 48 -4.94 22.39 10.12
N CYS B 49 -4.97 21.09 10.37
CA CYS B 49 -6.17 20.40 10.87
C CYS B 49 -6.30 20.45 12.40
N THR B 50 -5.59 21.38 13.02
CA THR B 50 -5.59 21.47 14.47
C THR B 50 -7.00 21.69 15.04
N VAL B 51 -7.28 20.98 16.13
CA VAL B 51 -8.47 21.19 16.93
C VAL B 51 -8.10 21.05 18.40
N GLU B 52 -8.97 21.51 19.30
CA GLU B 52 -8.75 21.37 20.74
C GLU B 52 -9.57 20.22 21.27
N VAL B 53 -8.94 19.36 22.07
CA VAL B 53 -9.62 18.25 22.74
C VAL B 53 -9.45 18.42 24.23
N GLU B 54 -10.57 18.57 24.93
CA GLU B 54 -10.55 18.81 26.38
C GLU B 54 -9.81 17.71 27.12
N GLY B 55 -8.87 18.09 27.97
CA GLY B 55 -8.08 17.13 28.72
C GLY B 55 -6.82 16.71 28.00
N THR B 56 -6.68 17.12 26.75
CA THR B 56 -5.53 16.75 25.93
C THR B 56 -4.83 17.98 25.35
N GLY B 57 -5.61 18.92 24.84
CA GLY B 57 -5.08 20.14 24.24
C GLY B 57 -5.21 20.11 22.73
N LEU B 58 -4.26 20.74 22.04
CA LEU B 58 -4.31 20.83 20.60
C LEU B 58 -3.84 19.53 19.96
N VAL B 59 -4.63 19.02 19.03
CA VAL B 59 -4.33 17.77 18.36
C VAL B 59 -4.59 17.95 16.87
N THR B 60 -3.98 17.11 16.06
CA THR B 60 -4.22 17.13 14.62
C THR B 60 -5.39 16.21 14.29
N ALA B 61 -6.47 16.78 13.78
CA ALA B 61 -7.68 16.03 13.53
C ALA B 61 -7.52 14.96 12.44
N CYS B 62 -6.58 15.16 11.52
CA CYS B 62 -6.50 14.27 10.36
C CYS B 62 -5.94 12.89 10.71
N ASP B 63 -5.27 12.75 11.85
CA ASP B 63 -4.68 11.47 12.22
C ASP B 63 -4.92 11.10 13.68
N THR B 64 -5.97 11.68 14.26
CA THR B 64 -6.36 11.38 15.63
C THR B 64 -7.74 10.71 15.62
N LEU B 65 -7.79 9.49 16.14
CA LEU B 65 -9.04 8.73 16.19
C LEU B 65 -9.98 9.31 17.24
N ILE B 66 -11.27 9.33 16.91
CA ILE B 66 -12.27 9.72 17.90
C ILE B 66 -12.30 8.69 19.00
N GLU B 67 -12.54 9.15 20.23
CA GLU B 67 -12.65 8.28 21.39
C GLU B 67 -13.86 8.70 22.22
N ASP B 68 -14.53 7.73 22.81
CA ASP B 68 -15.62 8.00 23.72
C ASP B 68 -15.20 9.05 24.75
N GLY B 69 -16.02 10.06 24.96
CA GLY B 69 -15.76 11.08 25.96
C GLY B 69 -15.08 12.32 25.43
N MET B 70 -14.64 12.29 24.18
CA MET B 70 -13.97 13.45 23.61
C MET B 70 -14.90 14.65 23.53
N ILE B 71 -14.39 15.78 23.98
CA ILE B 71 -15.06 17.06 23.82
C ILE B 71 -14.15 17.96 22.99
N ILE B 72 -14.62 18.26 21.78
CA ILE B 72 -13.79 18.84 20.73
C ILE B 72 -14.26 20.25 20.37
N ASN B 73 -13.30 21.17 20.22
CA ASN B 73 -13.59 22.49 19.68
C ASN B 73 -12.72 22.76 18.47
N THR B 74 -13.35 23.09 17.34
CA THR B 74 -12.64 23.27 16.08
C THR B 74 -12.40 24.73 15.71
N ASN B 75 -12.96 25.66 16.49
CA ASN B 75 -13.00 27.05 16.04
C ASN B 75 -12.76 28.07 17.16
N SER B 76 -12.10 27.65 18.22
CA SER B 76 -11.73 28.58 19.29
C SER B 76 -10.64 29.52 18.79
N ASP B 77 -10.49 30.66 19.46
CA ASP B 77 -9.45 31.62 19.08
C ASP B 77 -8.07 30.97 19.12
N ALA B 78 -7.82 30.16 20.13
CA ALA B 78 -6.53 29.50 20.30
C ALA B 78 -6.24 28.53 19.16
N VAL B 79 -7.27 27.85 18.70
CA VAL B 79 -7.13 26.91 17.58
C VAL B 79 -6.79 27.69 16.31
N ASN B 80 -7.55 28.74 16.05
CA ASN B 80 -7.38 29.50 14.82
C ASN B 80 -6.04 30.25 14.80
N GLU B 81 -5.56 30.70 15.94
CA GLU B 81 -4.28 31.41 15.96
C GLU B 81 -3.14 30.42 15.68
N LYS B 82 -3.29 29.17 16.12
CA LYS B 82 -2.29 28.15 15.83
C LYS B 82 -2.25 27.88 14.33
N ILE B 83 -3.40 27.70 13.72
CA ILE B 83 -3.48 27.42 12.29
C ILE B 83 -2.95 28.61 11.50
N LYS B 84 -3.32 29.81 11.90
CA LYS B 84 -2.86 31.01 11.23
C LYS B 84 -1.34 31.08 11.27
N SER B 85 -0.76 30.74 12.42
CA SER B 85 0.68 30.77 12.60
C SER B 85 1.38 29.77 11.68
N ARG B 86 0.80 28.58 11.52
CA ARG B 86 1.39 27.60 10.62
C ARG B 86 1.37 28.10 9.18
N ILE B 87 0.26 28.71 8.78
CA ILE B 87 0.13 29.22 7.43
C ILE B 87 1.11 30.39 7.23
N SER B 88 1.24 31.25 8.24
CA SER B 88 2.19 32.35 8.18
C SER B 88 3.62 31.83 7.98
N GLN B 89 3.95 30.75 8.66
CA GLN B 89 5.28 30.16 8.57
C GLN B 89 5.52 29.58 7.18
N LEU B 90 4.46 29.06 6.57
CA LEU B 90 4.57 28.57 5.19
C LEU B 90 4.77 29.74 4.22
N LEU B 91 4.06 30.83 4.45
CA LEU B 91 4.26 32.01 3.61
C LEU B 91 5.69 32.54 3.70
N ASP B 92 6.36 32.32 4.85
CA ASP B 92 7.77 32.73 5.01
C ASP B 92 8.71 31.99 4.06
N ILE B 93 8.25 30.89 3.46
CA ILE B 93 9.06 30.12 2.52
C ILE B 93 8.37 30.01 1.17
N HIS B 94 7.39 30.88 0.94
CA HIS B 94 6.58 30.82 -0.26
C HIS B 94 6.63 32.13 -1.03
N GLU B 95 6.98 32.06 -2.31
CA GLU B 95 6.98 33.25 -3.16
C GLU B 95 5.54 33.52 -3.56
N PHE B 96 4.91 34.44 -2.82
CA PHE B 96 3.49 34.67 -2.87
C PHE B 96 3.13 35.71 -3.93
N LYS B 97 3.11 35.25 -5.18
CA LYS B 97 2.81 36.10 -6.33
C LYS B 97 1.84 35.37 -7.25
N CYS B 98 0.55 35.46 -6.92
CA CYS B 98 -0.47 34.65 -7.56
C CYS B 98 -0.85 35.11 -8.96
N GLY B 99 -0.57 36.37 -9.28
CA GLY B 99 -0.96 36.96 -10.55
C GLY B 99 -0.60 36.13 -11.76
N PRO B 100 0.70 35.83 -11.93
CA PRO B 100 1.17 35.02 -13.06
C PRO B 100 1.22 33.51 -12.77
N CYS B 101 0.74 33.10 -11.60
CA CYS B 101 0.89 31.71 -11.17
C CYS B 101 -0.10 30.77 -11.85
N ASN B 102 0.36 29.58 -12.25
CA ASN B 102 -0.49 28.65 -13.00
C ASN B 102 -1.49 27.88 -12.14
N ARG B 103 -1.56 28.19 -10.84
CA ARG B 103 -2.59 27.62 -9.97
C ARG B 103 -3.47 28.71 -9.35
N ARG B 104 -3.31 29.93 -9.84
CA ARG B 104 -4.08 31.10 -9.38
C ARG B 104 -5.56 30.81 -9.11
N GLU B 105 -6.20 30.09 -10.03
CA GLU B 105 -7.65 29.90 -9.95
C GLU B 105 -8.12 28.75 -9.06
N ASN B 106 -7.21 27.84 -8.70
CA ASN B 106 -7.61 26.67 -7.91
C ASN B 106 -6.51 26.20 -6.97
N CYS B 107 -5.88 27.15 -6.29
CA CYS B 107 -4.80 26.84 -5.35
C CYS B 107 -5.34 26.59 -3.95
N GLU B 108 -4.96 25.45 -3.35
CA GLU B 108 -5.43 25.12 -2.02
C GLU B 108 -4.80 26.00 -0.97
N PHE B 109 -3.55 26.41 -1.21
CA PHE B 109 -2.82 27.21 -0.24
C PHE B 109 -3.41 28.61 -0.18
N LEU B 110 -3.63 29.21 -1.34
CA LEU B 110 -4.24 30.53 -1.41
C LEU B 110 -5.57 30.57 -0.66
N LYS B 111 -6.39 29.53 -0.83
CA LYS B 111 -7.68 29.47 -0.18
C LYS B 111 -7.50 29.51 1.34
N LEU B 112 -6.48 28.80 1.84
CA LEU B 112 -6.20 28.79 3.28
C LEU B 112 -5.67 30.15 3.75
N VAL B 113 -4.80 30.75 2.95
CA VAL B 113 -4.25 32.06 3.29
C VAL B 113 -5.37 33.08 3.43
N ILE B 114 -6.32 33.02 2.51
CA ILE B 114 -7.46 33.93 2.54
C ILE B 114 -8.35 33.63 3.73
N LYS B 115 -8.62 32.35 3.95
CA LYS B 115 -9.51 31.92 5.03
C LYS B 115 -9.03 32.36 6.42
N TYR B 116 -7.73 32.25 6.68
CA TYR B 116 -7.18 32.61 7.99
C TYR B 116 -6.53 33.98 7.99
N LYS B 117 -6.65 34.71 6.88
CA LYS B 117 -6.08 36.04 6.74
C LYS B 117 -4.62 36.07 7.17
N ALA B 118 -3.89 35.04 6.79
CA ALA B 118 -2.49 34.89 7.18
C ALA B 118 -1.56 35.75 6.33
N ARG B 119 -0.42 36.11 6.90
CA ARG B 119 0.62 36.86 6.21
C ARG B 119 1.99 36.40 6.69
N ALA B 120 2.96 36.40 5.79
CA ALA B 120 4.33 36.10 6.14
C ALA B 120 4.82 37.08 7.21
N SER B 121 5.69 36.60 8.08
CA SER B 121 6.40 37.49 9.01
C SER B 121 7.41 38.32 8.23
N LYS B 122 7.98 37.67 7.22
CA LYS B 122 8.88 38.33 6.28
C LYS B 122 8.60 37.78 4.90
N PRO B 123 8.19 38.64 3.95
CA PRO B 123 7.89 38.11 2.61
C PRO B 123 9.08 37.36 2.00
N PHE B 124 8.80 36.24 1.35
CA PHE B 124 9.85 35.43 0.72
C PHE B 124 10.02 35.89 -0.72
N LEU B 125 11.17 36.47 -1.01
CA LEU B 125 11.39 37.16 -2.27
C LEU B 125 12.76 36.86 -2.85
N PRO B 126 13.00 35.60 -3.23
CA PRO B 126 14.30 35.22 -3.78
C PRO B 126 14.62 36.01 -5.04
N LYS B 127 15.82 36.60 -5.09
CA LYS B 127 16.21 37.45 -6.20
C LYS B 127 16.51 36.61 -7.44
N ASP B 128 17.10 35.44 -7.22
CA ASP B 128 17.48 34.54 -8.29
C ASP B 128 16.77 33.19 -8.14
N LYS B 129 15.79 32.93 -8.99
CA LYS B 129 14.96 31.73 -8.85
C LYS B 129 15.58 30.46 -9.42
N THR B 130 16.62 30.61 -10.24
CA THR B 130 17.08 29.50 -11.05
C THR B 130 17.57 28.30 -10.23
N GLU B 131 18.08 28.55 -9.02
CA GLU B 131 18.46 27.44 -8.15
C GLU B 131 17.23 26.70 -7.61
N TYR B 132 16.08 27.37 -7.61
CA TYR B 132 14.83 26.78 -7.09
C TYR B 132 14.05 26.00 -8.15
N VAL B 133 14.46 26.15 -9.41
CA VAL B 133 13.68 25.64 -10.53
C VAL B 133 14.40 24.52 -11.26
N ASP B 134 13.66 23.45 -11.56
CA ASP B 134 14.19 22.34 -12.34
C ASP B 134 13.25 22.06 -13.52
N GLU B 135 13.69 22.43 -14.72
CA GLU B 135 12.94 22.22 -15.96
C GLU B 135 13.66 21.28 -16.91
N ARG B 136 14.53 20.43 -16.38
CA ARG B 136 15.30 19.50 -17.20
C ARG B 136 14.45 18.41 -17.86
N SER B 137 13.41 17.97 -17.16
CA SER B 137 12.59 16.85 -17.63
C SER B 137 11.76 17.23 -18.85
N LYS B 138 11.49 16.25 -19.70
CA LYS B 138 10.61 16.44 -20.83
C LYS B 138 9.14 16.47 -20.41
N SER B 139 8.85 16.13 -19.15
CA SER B 139 7.47 15.91 -18.69
C SER B 139 7.08 16.71 -17.46
N LEU B 140 7.98 16.81 -16.49
CA LEU B 140 7.71 17.46 -15.21
C LEU B 140 8.55 18.71 -15.01
N THR B 141 8.06 19.67 -14.23
CA THR B 141 8.87 20.78 -13.76
C THR B 141 8.64 21.04 -12.27
N VAL B 142 9.70 21.49 -11.61
CA VAL B 142 9.66 21.82 -10.20
C VAL B 142 9.97 23.28 -10.01
N ASP B 143 9.15 23.96 -9.21
CA ASP B 143 9.42 25.32 -8.77
C ASP B 143 9.37 25.35 -7.24
N ARG B 144 10.54 25.30 -6.60
CA ARG B 144 10.58 25.12 -5.15
C ARG B 144 10.33 26.41 -4.37
N THR B 145 10.24 27.55 -5.06
CA THR B 145 9.81 28.76 -4.38
C THR B 145 8.34 28.65 -3.98
N LYS B 146 7.64 27.64 -4.52
CA LYS B 146 6.23 27.40 -4.18
C LYS B 146 6.03 26.21 -3.24
N CYS B 147 7.10 25.46 -2.96
CA CYS B 147 6.94 24.18 -2.27
C CYS B 147 6.74 24.35 -0.77
N LEU B 148 5.64 23.76 -0.27
CA LEU B 148 5.27 23.79 1.14
C LEU B 148 5.88 22.63 1.96
N LEU B 149 6.59 21.73 1.30
CA LEU B 149 7.14 20.53 1.94
C LEU B 149 6.05 19.76 2.69
N CYS B 150 4.91 19.63 2.03
CA CYS B 150 3.75 18.96 2.61
C CYS B 150 3.78 17.46 2.41
N GLY B 151 4.68 17.00 1.54
CA GLY B 151 4.86 15.58 1.31
C GLY B 151 3.77 14.89 0.50
N ARG B 152 2.80 15.64 -0.01
CA ARG B 152 1.68 14.99 -0.71
C ARG B 152 2.14 14.29 -2.00
N CYS B 153 3.11 14.89 -2.68
CA CYS B 153 3.68 14.28 -3.90
C CYS B 153 4.42 12.99 -3.58
N VAL B 154 5.22 13.02 -2.51
CA VAL B 154 6.00 11.86 -2.09
C VAL B 154 5.05 10.70 -1.73
N ASN B 155 4.02 11.00 -0.94
CA ASN B 155 3.02 10.00 -0.59
C ASN B 155 2.28 9.46 -1.81
N ALA B 156 1.89 10.36 -2.70
CA ALA B 156 1.12 9.99 -3.89
C ALA B 156 1.95 9.11 -4.82
N CYS B 157 3.24 9.41 -4.95
CA CYS B 157 4.09 8.60 -5.80
C CYS B 157 4.17 7.17 -5.24
N GLY B 158 4.42 7.07 -3.94
CA GLY B 158 4.50 5.77 -3.29
C GLY B 158 3.22 4.96 -3.45
N LYS B 159 2.08 5.60 -3.24
CA LYS B 159 0.81 4.89 -3.29
C LYS B 159 0.43 4.53 -4.73
N ASN B 160 0.57 5.48 -5.64
CA ASN B 160 0.18 5.27 -7.03
C ASN B 160 1.11 4.36 -7.82
N THR B 161 2.43 4.45 -7.59
CA THR B 161 3.39 3.73 -8.42
C THR B 161 4.26 2.74 -7.66
N GLU B 162 4.42 2.95 -6.35
CA GLU B 162 5.36 2.19 -5.53
C GLU B 162 6.82 2.24 -6.05
N THR B 163 7.15 3.25 -6.85
CA THR B 163 8.54 3.47 -7.26
C THR B 163 9.29 4.31 -6.24
N TYR B 164 8.56 5.15 -5.52
CA TYR B 164 9.17 6.15 -4.63
C TYR B 164 10.18 7.02 -5.38
N ALA B 165 9.86 7.35 -6.63
CA ALA B 165 10.76 8.15 -7.45
C ALA B 165 10.77 9.61 -7.01
N MET B 166 9.70 10.04 -6.34
CA MET B 166 9.68 11.33 -5.67
C MET B 166 10.10 11.15 -4.21
N LYS B 167 11.11 11.92 -3.80
CA LYS B 167 11.70 11.75 -2.47
C LYS B 167 11.92 13.09 -1.78
N PHE B 168 11.97 13.06 -0.46
CA PHE B 168 12.59 14.13 0.31
C PHE B 168 14.09 13.99 0.17
N LEU B 169 14.76 15.10 -0.10
CA LEU B 169 16.21 15.15 -0.25
C LEU B 169 16.79 16.21 0.67
N ASN B 170 18.05 16.04 1.00
CA ASN B 170 18.84 17.11 1.59
C ASN B 170 19.72 17.75 0.51
N LYS B 171 19.47 19.03 0.24
CA LYS B 171 20.24 19.78 -0.76
C LYS B 171 20.85 21.02 -0.13
N ASN B 172 22.18 21.08 -0.12
CA ASN B 172 22.90 22.21 0.45
C ASN B 172 22.45 22.49 1.88
N GLY B 173 22.11 21.42 2.60
CA GLY B 173 21.70 21.53 3.98
C GLY B 173 20.23 21.88 4.17
N LYS B 174 19.48 21.89 3.08
CA LYS B 174 18.06 22.22 3.14
C LYS B 174 17.22 21.05 2.66
N THR B 175 16.02 20.91 3.22
CA THR B 175 15.08 19.89 2.77
C THR B 175 14.40 20.34 1.49
N ILE B 176 14.40 19.48 0.49
CA ILE B 176 13.63 19.69 -0.73
C ILE B 176 12.94 18.39 -1.09
N ILE B 177 12.06 18.45 -2.08
CA ILE B 177 11.62 17.23 -2.74
C ILE B 177 12.26 17.20 -4.11
N GLY B 178 12.43 16.00 -4.65
CA GLY B 178 13.01 15.84 -5.96
C GLY B 178 13.22 14.38 -6.29
N ALA B 179 13.91 14.13 -7.40
CA ALA B 179 14.21 12.78 -7.84
C ALA B 179 15.42 12.23 -7.13
N GLU B 180 15.66 10.93 -7.27
CA GLU B 180 16.81 10.29 -6.68
C GLU B 180 18.11 11.03 -7.02
N ASP B 181 18.89 11.34 -5.98
CA ASP B 181 20.16 12.05 -6.12
C ASP B 181 20.03 13.42 -6.80
N GLU B 182 18.83 14.00 -6.72
CA GLU B 182 18.52 15.27 -7.37
C GLU B 182 18.81 15.24 -8.87
N LYS B 183 18.69 14.05 -9.46
CA LYS B 183 18.84 13.90 -10.90
C LYS B 183 17.61 14.43 -11.64
N CYS B 184 17.73 14.59 -12.95
CA CYS B 184 16.55 14.85 -13.75
C CYS B 184 15.64 13.63 -13.60
N PHE B 185 14.34 13.85 -13.41
CA PHE B 185 13.43 12.72 -13.22
C PHE B 185 13.54 11.68 -14.31
N ASP B 186 13.71 12.14 -15.56
CA ASP B 186 13.77 11.24 -16.71
C ASP B 186 14.90 10.21 -16.60
N ASP B 187 15.95 10.59 -15.89
CA ASP B 187 17.15 9.75 -15.77
C ASP B 187 17.06 8.81 -14.58
N THR B 188 15.88 8.73 -13.98
CA THR B 188 15.65 7.82 -12.84
C THR B 188 14.53 6.85 -13.17
N ASN B 189 14.09 6.08 -12.19
CA ASN B 189 13.07 5.07 -12.41
C ASN B 189 11.67 5.65 -12.54
N CYS B 190 11.57 6.96 -12.32
CA CYS B 190 10.32 7.71 -12.49
C CYS B 190 9.59 7.34 -13.78
N LEU B 191 8.26 7.23 -13.71
CA LEU B 191 7.42 6.86 -14.84
C LEU B 191 6.93 8.07 -15.63
N LEU B 192 7.12 9.26 -15.05
CA LEU B 192 6.69 10.54 -15.62
C LEU B 192 5.17 10.60 -15.75
N CYS B 193 4.50 9.83 -14.88
CA CYS B 193 3.04 9.74 -14.87
C CYS B 193 2.35 10.98 -14.30
N GLY B 194 3.08 11.79 -13.54
CA GLY B 194 2.57 13.05 -13.04
C GLY B 194 1.56 12.96 -11.90
N GLN B 195 1.46 11.81 -11.24
CA GLN B 195 0.54 11.70 -10.12
C GLN B 195 0.99 12.62 -8.99
N CYS B 196 2.29 12.89 -8.92
CA CYS B 196 2.84 13.85 -7.98
C CYS B 196 2.26 15.26 -8.21
N ILE B 197 2.18 15.66 -9.48
CA ILE B 197 1.57 16.95 -9.84
C ILE B 197 0.12 16.99 -9.36
N ILE B 198 -0.61 15.91 -9.62
CA ILE B 198 -2.02 15.84 -9.31
C ILE B 198 -2.23 16.01 -7.79
N ALA B 199 -1.27 15.53 -7.00
CA ALA B 199 -1.36 15.60 -5.55
C ALA B 199 -0.94 16.96 -4.98
N CYS B 200 -0.29 17.79 -5.78
CA CYS B 200 0.29 19.04 -5.26
C CYS B 200 -0.77 20.11 -5.06
N PRO B 201 -0.81 20.71 -3.86
CA PRO B 201 -1.81 21.75 -3.56
C PRO B 201 -1.47 23.12 -4.13
N VAL B 202 -0.26 23.27 -4.65
CA VAL B 202 0.23 24.55 -5.14
C VAL B 202 0.88 24.38 -6.51
N ALA B 203 1.58 25.41 -7.00
CA ALA B 203 2.16 25.37 -8.33
C ALA B 203 3.61 24.89 -8.33
N ALA B 204 4.02 24.20 -7.26
CA ALA B 204 5.39 23.72 -7.13
C ALA B 204 5.72 22.64 -8.17
N LEU B 205 4.77 21.75 -8.42
CA LEU B 205 4.95 20.73 -9.47
C LEU B 205 4.03 21.03 -10.65
N SER B 206 4.59 21.03 -11.85
CA SER B 206 3.81 21.28 -13.05
C SER B 206 4.28 20.39 -14.18
N GLU B 207 3.52 20.43 -15.28
CA GLU B 207 3.94 19.80 -16.51
C GLU B 207 4.99 20.66 -17.20
N LYS B 208 5.91 20.02 -17.92
CA LYS B 208 6.82 20.72 -18.80
C LYS B 208 6.03 21.37 -19.92
N SER B 209 6.08 22.70 -20.00
CA SER B 209 5.26 23.45 -20.93
C SER B 209 5.63 23.21 -22.39
N HIS B 210 4.61 22.92 -23.22
CA HIS B 210 4.79 22.94 -24.68
C HIS B 210 4.04 24.11 -25.32
N MET B 211 3.63 25.08 -24.52
CA MET B 211 2.75 26.12 -25.04
C MET B 211 3.48 27.04 -26.02
N ASP B 212 4.76 27.32 -25.80
CA ASP B 212 5.53 28.11 -26.79
C ASP B 212 5.72 27.35 -28.11
N ARG B 213 5.94 26.04 -28.05
CA ARG B 213 5.99 25.24 -29.28
C ARG B 213 4.76 25.45 -30.13
N VAL B 214 3.61 25.41 -29.45
CA VAL B 214 2.33 25.48 -30.13
C VAL B 214 2.10 26.89 -30.68
N LYS B 215 2.31 27.90 -29.85
CA LYS B 215 2.10 29.27 -30.28
C LYS B 215 2.99 29.64 -31.45
N ASN B 216 4.26 29.24 -31.40
CA ASN B 216 5.19 29.56 -32.48
C ASN B 216 4.77 28.90 -33.79
N ALA B 217 4.28 27.66 -33.70
CA ALA B 217 3.79 26.96 -34.88
C ALA B 217 2.54 27.66 -35.45
N LEU B 218 1.59 28.01 -34.58
CA LEU B 218 0.36 28.67 -35.00
C LEU B 218 0.66 29.97 -35.73
N ASN B 219 1.70 30.67 -35.27
CA ASN B 219 2.06 31.99 -35.80
C ASN B 219 2.96 31.92 -37.02
N ALA B 220 3.54 30.76 -37.30
CA ALA B 220 4.41 30.59 -38.44
C ALA B 220 3.55 30.51 -39.71
N PRO B 221 3.74 31.45 -40.66
CA PRO B 221 2.90 31.49 -41.86
C PRO B 221 2.79 30.16 -42.59
N GLU B 222 3.90 29.45 -42.67
CA GLU B 222 3.99 28.27 -43.52
C GLU B 222 3.65 26.97 -42.81
N LYS B 223 3.46 27.01 -41.49
CA LYS B 223 3.11 25.79 -40.77
C LYS B 223 1.61 25.54 -40.82
N HIS B 224 1.27 24.28 -41.08
CA HIS B 224 -0.10 23.80 -41.03
C HIS B 224 -0.23 23.01 -39.74
N VAL B 225 -0.90 23.59 -38.75
CA VAL B 225 -0.94 22.98 -37.42
C VAL B 225 -2.20 22.14 -37.21
N ILE B 226 -1.99 20.84 -37.06
CA ILE B 226 -3.03 19.89 -36.69
C ILE B 226 -3.17 19.85 -35.19
N VAL B 227 -4.39 19.73 -34.70
CA VAL B 227 -4.61 19.42 -33.30
C VAL B 227 -5.55 18.23 -33.18
N ALA B 228 -5.23 17.34 -32.23
CA ALA B 228 -6.03 16.16 -31.97
C ALA B 228 -6.03 15.88 -30.46
N MET B 229 -7.22 15.78 -29.86
CA MET B 229 -7.32 15.53 -28.43
C MET B 229 -7.51 14.05 -28.11
N ALA B 230 -6.97 13.65 -26.96
CA ALA B 230 -7.16 12.31 -26.40
C ALA B 230 -8.60 12.12 -25.96
N PRO B 231 -9.05 10.85 -25.83
CA PRO B 231 -10.40 10.55 -25.36
C PRO B 231 -10.80 11.35 -24.10
N SER B 232 -9.94 11.34 -23.09
CA SER B 232 -10.30 11.87 -21.77
C SER B 232 -10.51 13.37 -21.71
N VAL B 233 -9.95 14.12 -22.66
CA VAL B 233 -10.01 15.58 -22.60
C VAL B 233 -11.48 16.05 -22.65
N ARG B 234 -12.29 15.40 -23.48
CA ARG B 234 -13.67 15.82 -23.68
C ARG B 234 -14.55 15.47 -22.48
N ALA B 235 -14.01 14.66 -21.58
CA ALA B 235 -14.72 14.25 -20.37
C ALA B 235 -14.27 15.01 -19.13
N SER B 236 -13.35 15.97 -19.31
CA SER B 236 -12.63 16.56 -18.17
C SER B 236 -12.47 18.09 -18.20
N ILE B 237 -12.16 18.66 -19.36
CA ILE B 237 -11.69 20.04 -19.39
C ILE B 237 -12.76 21.04 -18.92
N GLY B 238 -14.03 20.66 -19.05
CA GLY B 238 -15.12 21.50 -18.58
C GLY B 238 -15.05 21.83 -17.10
N GLU B 239 -14.39 20.96 -16.34
CA GLU B 239 -14.18 21.15 -14.91
C GLU B 239 -13.52 22.48 -14.61
N LEU B 240 -12.64 22.91 -15.51
CA LEU B 240 -11.85 24.11 -15.33
C LEU B 240 -12.57 25.35 -15.83
N PHE B 241 -13.80 25.17 -16.31
CA PHE B 241 -14.64 26.29 -16.74
C PHE B 241 -15.92 26.32 -15.93
N ASN B 242 -15.84 25.76 -14.72
CA ASN B 242 -16.93 25.79 -13.77
C ASN B 242 -18.21 25.16 -14.32
N MET B 243 -18.05 24.15 -15.16
CA MET B 243 -19.19 23.45 -15.74
C MET B 243 -19.57 22.21 -14.96
N GLY B 244 -18.76 21.85 -13.97
CA GLY B 244 -19.02 20.69 -13.13
C GLY B 244 -18.32 19.44 -13.64
N PHE B 245 -18.69 18.30 -13.08
CA PHE B 245 -18.03 17.03 -13.40
C PHE B 245 -18.88 16.16 -14.31
N GLY B 246 -18.21 15.42 -15.18
CA GLY B 246 -18.86 14.44 -16.02
C GLY B 246 -19.60 15.03 -17.20
N VAL B 247 -19.23 16.25 -17.59
CA VAL B 247 -19.86 16.92 -18.72
C VAL B 247 -19.13 16.62 -20.03
N ASP B 248 -19.87 16.13 -21.02
CA ASP B 248 -19.33 15.91 -22.35
C ASP B 248 -19.24 17.24 -23.10
N VAL B 249 -18.01 17.71 -23.33
CA VAL B 249 -17.80 19.00 -23.98
C VAL B 249 -17.04 18.85 -25.30
N THR B 250 -17.18 17.69 -25.94
CA THR B 250 -16.51 17.39 -27.21
C THR B 250 -16.70 18.52 -28.23
N GLY B 251 -17.96 18.90 -28.47
CA GLY B 251 -18.28 19.89 -29.47
C GLY B 251 -17.72 21.27 -29.19
N LYS B 252 -17.73 21.66 -27.92
CA LYS B 252 -17.19 22.95 -27.51
C LYS B 252 -15.68 23.00 -27.75
N ILE B 253 -15.00 21.87 -27.52
CA ILE B 253 -13.55 21.81 -27.71
C ILE B 253 -13.21 22.04 -29.17
N TYR B 254 -13.92 21.36 -30.07
CA TYR B 254 -13.67 21.51 -31.50
C TYR B 254 -13.80 22.98 -31.91
N THR B 255 -14.82 23.64 -31.38
CA THR B 255 -15.04 25.05 -31.68
C THR B 255 -13.93 25.93 -31.09
N ALA B 256 -13.55 25.65 -29.85
CA ALA B 256 -12.50 26.42 -29.18
C ALA B 256 -11.18 26.25 -29.93
N LEU B 257 -10.90 25.04 -30.39
CA LEU B 257 -9.67 24.78 -31.12
C LEU B 257 -9.63 25.58 -32.43
N ARG B 258 -10.76 25.67 -33.13
CA ARG B 258 -10.79 26.47 -34.35
C ARG B 258 -10.55 27.94 -34.02
N GLN B 259 -11.16 28.43 -32.93
CA GLN B 259 -10.99 29.84 -32.58
C GLN B 259 -9.56 30.16 -32.13
N LEU B 260 -8.83 29.14 -31.68
CA LEU B 260 -7.43 29.33 -31.30
C LEU B 260 -6.51 29.38 -32.53
N GLY B 261 -7.06 29.08 -33.70
CA GLY B 261 -6.33 29.23 -34.94
C GLY B 261 -5.71 27.95 -35.49
N PHE B 262 -6.04 26.81 -34.92
CA PHE B 262 -5.55 25.55 -35.45
C PHE B 262 -6.10 25.34 -36.84
N ASP B 263 -5.28 24.77 -37.72
CA ASP B 263 -5.61 24.64 -39.14
C ASP B 263 -6.39 23.38 -39.48
N LYS B 264 -6.27 22.35 -38.64
CA LYS B 264 -7.04 21.13 -38.85
C LYS B 264 -7.42 20.53 -37.51
N ILE B 265 -8.70 20.16 -37.39
CA ILE B 265 -9.25 19.63 -36.15
C ILE B 265 -9.49 18.14 -36.32
N PHE B 266 -8.54 17.32 -35.86
CA PHE B 266 -8.66 15.88 -35.92
C PHE B 266 -8.89 15.35 -34.50
N ASP B 267 -8.71 14.05 -34.27
CA ASP B 267 -9.02 13.47 -32.97
C ASP B 267 -8.17 12.21 -32.72
N ILE B 268 -7.55 12.12 -31.55
CA ILE B 268 -6.71 10.96 -31.24
C ILE B 268 -7.52 9.68 -31.14
N ASN B 269 -8.84 9.79 -30.94
CA ASN B 269 -9.69 8.61 -30.94
C ASN B 269 -9.59 7.88 -32.28
N PHE B 270 -9.33 8.61 -33.35
CA PHE B 270 -9.09 8.03 -34.66
C PHE B 270 -7.78 7.22 -34.59
N GLY B 271 -6.79 7.79 -33.94
CA GLY B 271 -5.54 7.09 -33.70
C GLY B 271 -5.76 5.85 -32.85
N ALA B 272 -6.66 5.92 -31.87
CA ALA B 272 -6.93 4.76 -31.04
C ALA B 272 -7.53 3.64 -31.89
N ASP B 273 -8.38 3.98 -32.85
CA ASP B 273 -8.92 2.98 -33.76
C ASP B 273 -7.78 2.37 -34.60
N MET B 274 -6.81 3.19 -34.99
CA MET B 274 -5.63 2.68 -35.69
C MET B 274 -4.85 1.69 -34.82
N THR B 275 -4.63 2.05 -33.55
CA THR B 275 -3.93 1.17 -32.63
C THR B 275 -4.62 -0.20 -32.57
N ILE B 276 -5.95 -0.20 -32.51
CA ILE B 276 -6.70 -1.45 -32.46
C ILE B 276 -6.52 -2.25 -33.76
N MET B 277 -6.58 -1.58 -34.91
CA MET B 277 -6.36 -2.27 -36.19
C MET B 277 -5.08 -3.08 -36.16
N GLU B 278 -4.01 -2.43 -35.70
CA GLU B 278 -2.71 -3.06 -35.66
C GLU B 278 -2.61 -4.07 -34.53
N GLU B 279 -3.09 -3.69 -33.34
CA GLU B 279 -2.89 -4.54 -32.17
C GLU B 279 -3.79 -5.76 -32.16
N ALA B 280 -5.04 -5.61 -32.57
CA ALA B 280 -5.94 -6.73 -32.68
C ALA B 280 -5.43 -7.70 -33.75
N THR B 281 -4.90 -7.15 -34.83
CA THR B 281 -4.31 -7.97 -35.89
C THR B 281 -3.12 -8.75 -35.32
N GLU B 282 -2.29 -8.08 -34.52
CA GLU B 282 -1.14 -8.72 -33.90
C GLU B 282 -1.56 -9.82 -32.92
N LEU B 283 -2.60 -9.56 -32.15
CA LEU B 283 -3.10 -10.55 -31.20
C LEU B 283 -3.54 -11.81 -31.93
N VAL B 284 -4.29 -11.62 -33.01
CA VAL B 284 -4.78 -12.75 -33.80
C VAL B 284 -3.61 -13.52 -34.42
N GLN B 285 -2.57 -12.81 -34.84
CA GLN B 285 -1.36 -13.45 -35.34
C GLN B 285 -0.75 -14.36 -34.28
N ARG B 286 -0.60 -13.85 -33.07
CA ARG B 286 -0.04 -14.62 -31.97
C ARG B 286 -0.93 -15.82 -31.62
N ILE B 287 -2.24 -15.62 -31.69
CA ILE B 287 -3.19 -16.69 -31.39
C ILE B 287 -3.05 -17.81 -32.41
N GLU B 288 -3.04 -17.45 -33.69
CA GLU B 288 -3.00 -18.44 -34.76
C GLU B 288 -1.64 -19.12 -34.82
N ASN B 289 -0.62 -18.48 -34.27
CA ASN B 289 0.70 -19.07 -34.15
C ASN B 289 0.92 -19.76 -32.80
N ASN B 290 -0.09 -19.70 -31.94
CA ASN B 290 0.00 -20.23 -30.57
C ASN B 290 1.23 -19.67 -29.82
N GLY B 291 1.38 -18.35 -29.87
CA GLY B 291 2.46 -17.67 -29.18
C GLY B 291 3.07 -16.60 -30.04
N PRO B 292 3.95 -15.75 -29.46
CA PRO B 292 4.36 -15.77 -28.05
C PRO B 292 3.34 -15.09 -27.13
N PHE B 293 3.26 -15.56 -25.88
CA PHE B 293 2.33 -15.01 -24.88
C PHE B 293 3.08 -14.67 -23.60
N PRO B 294 2.56 -13.71 -22.82
CA PRO B 294 1.42 -12.85 -23.13
C PRO B 294 1.86 -11.72 -24.04
N MET B 295 0.91 -11.09 -24.72
CA MET B 295 1.17 -9.80 -25.34
C MET B 295 0.72 -8.74 -24.35
N PHE B 296 1.56 -7.73 -24.13
CA PHE B 296 1.18 -6.58 -23.31
C PHE B 296 0.83 -5.41 -24.22
N THR B 297 -0.10 -4.56 -23.76
CA THR B 297 -0.38 -3.31 -24.46
C THR B 297 0.85 -2.41 -24.37
N SER B 298 0.91 -1.40 -25.25
CA SER B 298 2.08 -0.52 -25.33
C SER B 298 1.69 0.94 -25.48
N CYS B 299 0.43 1.25 -25.18
CA CYS B 299 -0.15 2.56 -25.41
C CYS B 299 0.06 3.54 -24.25
N CYS B 300 0.45 3.02 -23.10
CA CYS B 300 0.73 3.84 -21.93
C CYS B 300 2.24 4.04 -21.72
N PRO B 301 2.74 5.27 -21.94
CA PRO B 301 4.19 5.48 -21.82
C PRO B 301 4.70 5.41 -20.38
N GLY B 302 3.83 5.54 -19.39
CA GLY B 302 4.22 5.34 -18.01
C GLY B 302 4.57 3.88 -17.78
N TRP B 303 3.71 3.01 -18.29
CA TRP B 303 3.93 1.56 -18.25
C TRP B 303 5.15 1.18 -19.06
N VAL B 304 5.32 1.76 -20.24
CA VAL B 304 6.51 1.47 -21.03
C VAL B 304 7.77 1.77 -20.22
N ARG B 305 7.80 2.93 -19.56
CA ARG B 305 8.94 3.29 -18.73
C ARG B 305 9.07 2.34 -17.54
N GLN B 306 7.95 1.90 -16.98
CA GLN B 306 8.00 0.93 -15.89
C GLN B 306 8.62 -0.38 -16.37
N ALA B 307 8.20 -0.84 -17.54
CA ALA B 307 8.80 -2.05 -18.12
C ALA B 307 10.29 -1.83 -18.41
N GLU B 308 10.63 -0.72 -19.03
CA GLU B 308 12.04 -0.39 -19.29
C GLU B 308 12.88 -0.34 -18.01
N ASN B 309 12.30 0.20 -16.94
CA ASN B 309 13.08 0.46 -15.72
C ASN B 309 13.10 -0.72 -14.75
N TYR B 310 12.09 -1.58 -14.81
CA TYR B 310 11.91 -2.63 -13.82
C TYR B 310 11.72 -4.04 -14.41
N TYR B 311 11.19 -4.12 -15.63
CA TYR B 311 10.93 -5.43 -16.26
C TYR B 311 11.33 -5.48 -17.73
N PRO B 312 12.61 -5.21 -18.03
CA PRO B 312 13.06 -5.14 -19.42
C PRO B 312 12.89 -6.45 -20.18
N GLU B 313 12.80 -7.56 -19.45
CA GLU B 313 12.59 -8.87 -20.05
C GLU B 313 11.20 -9.00 -20.67
N LEU B 314 10.31 -8.05 -20.39
CA LEU B 314 8.96 -8.06 -20.94
C LEU B 314 8.84 -7.23 -22.22
N LEU B 315 9.86 -6.42 -22.51
CA LEU B 315 9.77 -5.44 -23.58
C LEU B 315 9.45 -6.09 -24.93
N ASN B 316 9.99 -7.27 -25.18
CA ASN B 316 9.75 -7.97 -26.44
C ASN B 316 8.30 -8.45 -26.55
N ASN B 317 7.63 -8.57 -25.40
CA ASN B 317 6.23 -9.00 -25.37
C ASN B 317 5.23 -7.86 -25.55
N LEU B 318 5.71 -6.62 -25.46
CA LEU B 318 4.84 -5.48 -25.73
C LEU B 318 4.40 -5.48 -27.19
N SER B 319 3.13 -5.16 -27.41
CA SER B 319 2.60 -4.94 -28.75
C SER B 319 3.45 -3.92 -29.49
N SER B 320 3.73 -4.21 -30.76
CA SER B 320 4.53 -3.30 -31.58
C SER B 320 3.68 -2.15 -32.12
N ALA B 321 2.36 -2.21 -31.94
CA ALA B 321 1.50 -1.13 -32.41
C ALA B 321 1.87 0.14 -31.67
N LYS B 322 2.00 1.23 -32.40
CA LYS B 322 2.24 2.52 -31.76
C LYS B 322 1.01 2.92 -30.94
N SER B 323 1.21 3.80 -29.97
CA SER B 323 0.12 4.31 -29.16
C SER B 323 -0.81 5.17 -30.00
N PRO B 324 -2.04 5.39 -29.53
CA PRO B 324 -2.95 6.28 -30.27
C PRO B 324 -2.30 7.60 -30.66
N GLN B 325 -1.58 8.21 -29.74
CA GLN B 325 -0.86 9.44 -30.03
C GLN B 325 0.14 9.28 -31.16
N GLN B 326 1.05 8.31 -31.04
CA GLN B 326 2.17 8.24 -31.97
C GLN B 326 1.76 7.64 -33.31
N ILE B 327 0.79 6.74 -33.28
CA ILE B 327 0.34 6.12 -34.52
C ILE B 327 -0.41 7.18 -35.33
N PHE B 328 -1.19 8.00 -34.65
CA PHE B 328 -1.84 9.15 -35.29
C PHE B 328 -0.80 10.09 -35.89
N GLY B 329 0.19 10.46 -35.09
CA GLY B 329 1.23 11.36 -35.54
C GLY B 329 1.95 10.84 -36.77
N THR B 330 2.27 9.56 -36.78
CA THR B 330 2.94 8.96 -37.93
C THR B 330 2.10 9.16 -39.20
N ALA B 331 0.82 8.86 -39.10
CA ALA B 331 -0.07 8.99 -40.24
C ALA B 331 -0.23 10.44 -40.66
N SER B 332 -0.15 11.35 -39.69
CA SER B 332 -0.33 12.78 -39.98
C SER B 332 0.79 13.36 -40.86
N LYS B 333 1.93 12.68 -40.93
CA LYS B 333 3.07 13.15 -41.72
C LYS B 333 3.23 12.39 -43.03
N THR B 334 2.39 11.38 -43.23
CA THR B 334 2.48 10.52 -44.40
C THR B 334 1.15 10.48 -45.13
N TYR B 335 0.17 9.82 -44.53
CA TYR B 335 -1.15 9.73 -45.12
C TYR B 335 -1.78 11.09 -45.34
N TYR B 336 -1.69 11.98 -44.35
CA TYR B 336 -2.44 13.22 -44.43
C TYR B 336 -1.94 14.14 -45.57
N PRO B 337 -0.61 14.29 -45.73
CA PRO B 337 -0.14 15.00 -46.92
C PRO B 337 -0.61 14.36 -48.22
N SER B 338 -0.76 13.03 -48.25
CA SER B 338 -1.16 12.36 -49.48
C SER B 338 -2.60 12.67 -49.89
N ILE B 339 -3.43 13.12 -48.94
CA ILE B 339 -4.82 13.46 -49.24
C ILE B 339 -5.11 14.96 -49.15
N SER B 340 -4.05 15.77 -48.98
CA SER B 340 -4.23 17.22 -48.78
C SER B 340 -3.34 18.08 -49.69
N GLY B 341 -2.21 17.53 -50.11
CA GLY B 341 -1.23 18.29 -50.88
C GLY B 341 -0.25 19.08 -50.04
N LEU B 342 -0.42 19.02 -48.72
CA LEU B 342 0.51 19.71 -47.83
C LEU B 342 1.92 19.13 -47.95
N ASP B 343 2.93 19.98 -47.90
CA ASP B 343 4.31 19.52 -47.79
C ASP B 343 4.48 18.90 -46.41
N PRO B 344 4.89 17.63 -46.32
CA PRO B 344 4.98 16.99 -45.00
C PRO B 344 5.81 17.80 -43.99
N LYS B 345 6.86 18.47 -44.46
CA LYS B 345 7.71 19.29 -43.60
C LYS B 345 6.95 20.40 -42.92
N ASN B 346 5.87 20.86 -43.55
CA ASN B 346 5.11 21.99 -43.04
C ASN B 346 3.99 21.61 -42.10
N VAL B 347 3.71 20.32 -41.99
CA VAL B 347 2.70 19.83 -41.04
C VAL B 347 3.31 19.86 -39.63
N PHE B 348 2.57 20.43 -38.69
CA PHE B 348 2.98 20.50 -37.29
C PHE B 348 1.86 19.88 -36.48
N THR B 349 2.14 18.75 -35.83
CA THR B 349 1.09 17.98 -35.19
C THR B 349 1.12 18.13 -33.67
N VAL B 350 0.01 18.62 -33.15
CA VAL B 350 -0.17 18.88 -31.74
C VAL B 350 -1.23 17.94 -31.17
N THR B 351 -0.95 17.33 -30.02
CA THR B 351 -1.98 16.60 -29.30
C THR B 351 -2.32 17.29 -28.00
N VAL B 352 -3.55 17.03 -27.54
CA VAL B 352 -3.99 17.42 -26.23
C VAL B 352 -4.20 16.14 -25.44
N MET B 353 -3.47 16.03 -24.32
CA MET B 353 -3.41 14.80 -23.54
C MET B 353 -3.76 15.02 -22.07
N PRO B 354 -4.32 13.98 -21.42
CA PRO B 354 -4.54 13.99 -19.98
C PRO B 354 -3.28 13.61 -19.22
N CYS B 355 -2.12 13.71 -19.88
CA CYS B 355 -0.94 12.96 -19.50
C CYS B 355 0.35 13.75 -19.65
N THR B 356 1.23 13.65 -18.65
CA THR B 356 2.56 14.25 -18.74
C THR B 356 3.55 13.30 -19.42
N SER B 357 3.35 12.00 -19.27
CA SER B 357 4.28 11.02 -19.80
C SER B 357 4.23 11.02 -21.33
N LYS B 358 3.11 11.44 -21.90
CA LYS B 358 2.97 11.57 -23.35
C LYS B 358 3.96 12.57 -23.94
N LYS B 359 4.43 13.53 -23.15
CA LYS B 359 5.42 14.49 -23.66
C LYS B 359 6.76 13.78 -23.86
N PHE B 360 7.10 12.89 -22.93
CA PHE B 360 8.33 12.11 -23.08
C PHE B 360 8.22 11.19 -24.29
N GLU B 361 7.09 10.53 -24.43
CA GLU B 361 6.86 9.65 -25.57
C GLU B 361 7.05 10.38 -26.90
N ALA B 362 6.45 11.56 -27.00
CA ALA B 362 6.48 12.34 -28.24
C ALA B 362 7.89 12.79 -28.58
N ASP B 363 8.75 12.93 -27.57
CA ASP B 363 10.09 13.45 -27.79
C ASP B 363 11.14 12.34 -27.83
N ARG B 364 10.71 11.08 -27.87
CA ARG B 364 11.65 9.96 -28.02
C ARG B 364 12.37 10.09 -29.36
N PRO B 365 13.71 10.02 -29.36
CA PRO B 365 14.47 10.22 -30.60
C PRO B 365 13.94 9.49 -31.83
N GLN B 366 13.62 8.20 -31.70
CA GLN B 366 13.25 7.40 -32.86
C GLN B 366 11.76 7.50 -33.25
N MET B 367 11.00 8.35 -32.54
CA MET B 367 9.58 8.56 -32.89
C MET B 367 9.49 9.60 -34.00
N GLU B 368 10.09 9.27 -35.14
CA GLU B 368 10.13 10.15 -36.29
C GLU B 368 10.51 9.31 -37.50
N LYS B 369 10.34 9.89 -38.69
CA LYS B 369 10.72 9.23 -39.92
C LYS B 369 11.03 10.28 -40.96
N ASP B 370 12.14 10.09 -41.69
CA ASP B 370 12.54 11.05 -42.71
C ASP B 370 12.65 12.47 -42.15
N GLY B 371 13.07 12.58 -40.89
CA GLY B 371 13.28 13.86 -40.24
C GLY B 371 12.04 14.53 -39.70
N LEU B 372 10.89 13.88 -39.87
CA LEU B 372 9.61 14.43 -39.43
C LEU B 372 9.15 13.75 -38.15
N ARG B 373 8.99 14.53 -37.08
CA ARG B 373 8.47 14.00 -35.82
C ARG B 373 7.06 13.45 -36.01
N ASP B 374 6.75 12.31 -35.41
CA ASP B 374 5.36 11.84 -35.37
C ASP B 374 4.50 12.95 -34.77
N ILE B 375 4.96 13.45 -33.63
CA ILE B 375 4.25 14.44 -32.83
C ILE B 375 5.19 15.57 -32.47
N ASP B 376 4.81 16.80 -32.81
CA ASP B 376 5.67 17.95 -32.60
C ASP B 376 5.46 18.63 -31.26
N ALA B 377 4.26 18.52 -30.70
CA ALA B 377 3.96 19.10 -29.41
C ALA B 377 2.81 18.37 -28.75
N VAL B 378 2.86 18.33 -27.42
CA VAL B 378 1.84 17.74 -26.57
C VAL B 378 1.48 18.72 -25.48
N ILE B 379 0.23 19.17 -25.45
CA ILE B 379 -0.22 20.01 -24.35
C ILE B 379 -1.21 19.23 -23.50
N THR B 380 -1.16 19.46 -22.20
CA THR B 380 -2.05 18.78 -21.28
C THR B 380 -3.43 19.40 -21.34
N THR B 381 -4.39 18.72 -20.74
CA THR B 381 -5.73 19.27 -20.57
C THR B 381 -5.65 20.64 -19.91
N ARG B 382 -4.81 20.74 -18.89
CA ARG B 382 -4.62 22.00 -18.17
C ARG B 382 -4.06 23.09 -19.09
N GLU B 383 -3.06 22.75 -19.90
CA GLU B 383 -2.46 23.72 -20.81
C GLU B 383 -3.47 24.22 -21.84
N LEU B 384 -4.31 23.32 -22.36
CA LEU B 384 -5.33 23.75 -23.32
C LEU B 384 -6.29 24.72 -22.62
N ALA B 385 -6.70 24.40 -21.39
CA ALA B 385 -7.61 25.27 -20.65
C ALA B 385 -7.02 26.68 -20.52
N LYS B 386 -5.76 26.77 -20.14
CA LYS B 386 -5.08 28.05 -20.01
C LYS B 386 -5.05 28.79 -21.34
N MET B 387 -4.85 28.03 -22.41
CA MET B 387 -4.78 28.61 -23.75
C MET B 387 -6.11 29.26 -24.11
N ILE B 388 -7.18 28.54 -23.82
CA ILE B 388 -8.53 29.00 -24.08
C ILE B 388 -8.83 30.26 -23.27
N LYS B 389 -8.44 30.26 -22.00
CA LYS B 389 -8.71 31.39 -21.13
C LYS B 389 -7.88 32.61 -21.51
N ASP B 390 -6.63 32.39 -21.92
CA ASP B 390 -5.76 33.50 -22.32
C ASP B 390 -6.29 34.20 -23.57
N ALA B 391 -7.01 33.45 -24.40
CA ALA B 391 -7.59 33.99 -25.62
C ALA B 391 -8.98 34.57 -25.38
N LYS B 392 -9.47 34.48 -24.13
CA LYS B 392 -10.78 34.99 -23.74
C LYS B 392 -11.90 34.36 -24.56
N ILE B 393 -11.72 33.09 -24.90
CA ILE B 393 -12.76 32.31 -25.55
C ILE B 393 -13.80 31.89 -24.51
N PRO B 394 -15.07 32.26 -24.72
CA PRO B 394 -16.10 31.92 -23.73
C PRO B 394 -16.54 30.47 -23.85
N PHE B 395 -15.70 29.56 -23.35
CA PHE B 395 -15.86 28.14 -23.57
C PHE B 395 -17.25 27.61 -23.24
N ALA B 396 -17.77 27.95 -22.06
CA ALA B 396 -19.03 27.41 -21.59
C ALA B 396 -20.21 27.84 -22.46
N LYS B 397 -20.00 28.85 -23.31
CA LYS B 397 -21.08 29.38 -24.14
C LYS B 397 -20.90 29.08 -25.63
N LEU B 398 -19.83 28.37 -25.99
CA LEU B 398 -19.58 28.03 -27.38
C LEU B 398 -20.63 27.06 -27.93
N GLU B 399 -20.89 27.17 -29.23
CA GLU B 399 -21.70 26.20 -29.94
C GLU B 399 -20.85 24.99 -30.29
N ASP B 400 -21.51 23.85 -30.52
CA ASP B 400 -20.81 22.64 -30.95
C ASP B 400 -20.41 22.73 -32.41
N SER B 401 -19.23 22.20 -32.72
CA SER B 401 -18.83 21.96 -34.10
C SER B 401 -18.30 20.53 -34.17
N GLU B 402 -17.93 20.10 -35.37
CA GLU B 402 -17.47 18.74 -35.58
C GLU B 402 -15.99 18.71 -35.98
N ALA B 403 -15.37 17.55 -35.80
CA ALA B 403 -14.01 17.36 -36.26
C ALA B 403 -13.97 17.26 -37.78
N ASP B 404 -12.82 17.58 -38.36
CA ASP B 404 -12.57 17.27 -39.74
C ASP B 404 -12.45 15.75 -39.84
N PRO B 405 -13.23 15.11 -40.72
CA PRO B 405 -13.43 13.66 -40.61
C PRO B 405 -12.29 12.72 -41.04
N ALA B 406 -11.40 13.16 -41.93
CA ALA B 406 -10.43 12.24 -42.54
C ALA B 406 -9.56 11.53 -41.50
N MET B 407 -9.23 12.24 -40.43
CA MET B 407 -8.52 11.63 -39.31
C MET B 407 -9.18 12.04 -38.00
N GLY B 408 -10.50 12.21 -38.04
CA GLY B 408 -11.28 12.66 -36.91
C GLY B 408 -12.46 11.77 -36.53
N GLU B 409 -12.94 10.95 -37.46
CA GLU B 409 -14.00 10.00 -37.14
C GLU B 409 -13.48 9.03 -36.10
N TYR B 410 -14.32 8.63 -35.15
CA TYR B 410 -13.96 7.51 -34.29
C TYR B 410 -15.13 6.60 -33.94
N SER B 411 -14.78 5.34 -33.75
CA SER B 411 -15.73 4.34 -33.26
C SER B 411 -15.80 4.40 -31.74
N GLY B 412 -16.82 3.77 -31.18
CA GLY B 412 -16.96 3.70 -29.74
C GLY B 412 -15.83 2.93 -29.07
N ALA B 413 -15.19 2.04 -29.81
CA ALA B 413 -14.03 1.30 -29.29
C ALA B 413 -12.88 2.26 -28.99
N GLY B 414 -12.59 3.17 -29.90
CA GLY B 414 -11.56 4.18 -29.68
C GLY B 414 -11.94 5.14 -28.56
N ALA B 415 -13.23 5.41 -28.43
CA ALA B 415 -13.70 6.41 -27.50
C ALA B 415 -13.43 6.03 -26.04
N ILE B 416 -13.34 4.73 -25.77
CA ILE B 416 -13.23 4.27 -24.38
C ILE B 416 -11.78 4.03 -23.94
N PHE B 417 -10.82 4.36 -24.78
CA PHE B 417 -9.41 4.16 -24.44
C PHE B 417 -9.02 4.85 -23.14
N GLY B 418 -9.70 5.94 -22.80
CA GLY B 418 -9.36 6.73 -21.63
C GLY B 418 -9.72 6.11 -20.29
N ALA B 419 -10.45 4.99 -20.30
CA ALA B 419 -10.79 4.27 -19.07
C ALA B 419 -9.95 3.01 -18.96
N THR B 420 -9.60 2.64 -17.73
CA THR B 420 -8.96 1.36 -17.47
C THR B 420 -9.82 0.20 -18.00
N GLY B 421 -9.21 -0.64 -18.84
CA GLY B 421 -9.94 -1.70 -19.50
C GLY B 421 -10.42 -1.30 -20.88
N GLY B 422 -10.25 -0.03 -21.23
CA GLY B 422 -10.68 0.48 -22.52
C GLY B 422 -9.99 -0.15 -23.72
N VAL B 423 -8.67 -0.13 -23.74
CA VAL B 423 -7.97 -0.72 -24.88
C VAL B 423 -8.21 -2.23 -24.91
N MET B 424 -8.30 -2.84 -23.73
CA MET B 424 -8.60 -4.28 -23.67
C MET B 424 -9.93 -4.59 -24.35
N GLU B 425 -10.97 -3.88 -23.95
CA GLU B 425 -12.30 -4.11 -24.51
C GLU B 425 -12.32 -3.80 -26.01
N ALA B 426 -11.73 -2.67 -26.38
CA ALA B 426 -11.68 -2.27 -27.78
C ALA B 426 -10.95 -3.31 -28.64
N ALA B 427 -9.85 -3.85 -28.13
CA ALA B 427 -9.06 -4.81 -28.90
C ALA B 427 -9.80 -6.12 -29.05
N LEU B 428 -10.52 -6.55 -28.01
CA LEU B 428 -11.24 -7.82 -28.08
C LEU B 428 -12.36 -7.76 -29.12
N ARG B 429 -13.02 -6.61 -29.19
CA ARG B 429 -14.10 -6.43 -30.18
C ARG B 429 -13.61 -6.72 -31.59
N SER B 430 -12.42 -6.23 -31.93
CA SER B 430 -11.87 -6.42 -33.28
C SER B 430 -11.21 -7.78 -33.41
N ALA B 431 -10.45 -8.20 -32.40
CA ALA B 431 -9.73 -9.47 -32.47
C ALA B 431 -10.68 -10.65 -32.64
N LYS B 432 -11.83 -10.59 -31.98
CA LYS B 432 -12.78 -11.71 -32.05
C LYS B 432 -13.41 -11.76 -33.45
N ASP B 433 -13.80 -10.59 -33.97
CA ASP B 433 -14.31 -10.52 -35.35
C ASP B 433 -13.26 -11.02 -36.34
N PHE B 434 -12.01 -10.59 -36.17
CA PHE B 434 -10.93 -10.98 -37.06
C PHE B 434 -10.70 -12.49 -37.06
N ALA B 435 -10.52 -13.06 -35.87
CA ALA B 435 -10.16 -14.46 -35.73
C ALA B 435 -11.27 -15.39 -36.20
N GLU B 436 -12.51 -14.97 -36.02
CA GLU B 436 -13.66 -15.81 -36.33
C GLU B 436 -14.31 -15.46 -37.68
N ASN B 437 -13.73 -14.48 -38.36
CA ASN B 437 -14.26 -14.02 -39.65
C ASN B 437 -15.77 -13.78 -39.56
N ALA B 438 -16.17 -12.91 -38.65
CA ALA B 438 -17.58 -12.65 -38.41
C ALA B 438 -17.84 -11.23 -37.92
N GLU B 439 -19.11 -10.88 -37.82
CA GLU B 439 -19.54 -9.61 -37.26
C GLU B 439 -20.38 -9.87 -36.03
N LEU B 440 -19.72 -10.06 -34.90
CA LEU B 440 -20.40 -10.42 -33.67
C LEU B 440 -21.17 -9.25 -33.08
N GLU B 441 -22.34 -9.54 -32.52
CA GLU B 441 -23.21 -8.52 -31.98
C GLU B 441 -22.90 -8.21 -30.52
N ASP B 442 -22.44 -9.22 -29.79
CA ASP B 442 -22.14 -9.07 -28.37
C ASP B 442 -20.71 -8.52 -28.23
N ILE B 443 -20.60 -7.25 -27.89
CA ILE B 443 -19.31 -6.55 -27.92
C ILE B 443 -18.94 -5.89 -26.60
N GLU B 444 -19.82 -5.97 -25.61
CA GLU B 444 -19.55 -5.34 -24.32
C GLU B 444 -18.87 -6.33 -23.37
N TYR B 445 -17.68 -5.94 -22.92
CA TYR B 445 -16.86 -6.77 -22.06
C TYR B 445 -16.77 -6.12 -20.69
N LYS B 446 -17.87 -6.15 -19.95
CA LYS B 446 -17.96 -5.42 -18.70
C LYS B 446 -17.02 -5.97 -17.62
N GLN B 447 -16.60 -7.22 -17.76
CA GLN B 447 -15.71 -7.85 -16.79
C GLN B 447 -14.36 -7.13 -16.65
N VAL B 448 -13.94 -6.40 -17.69
CA VAL B 448 -12.62 -5.76 -17.66
C VAL B 448 -12.72 -4.28 -17.27
N ARG B 449 -13.95 -3.82 -17.05
CA ARG B 449 -14.18 -2.42 -16.68
C ARG B 449 -14.08 -2.19 -15.18
N GLY B 450 -13.93 -0.92 -14.79
CA GLY B 450 -14.05 -0.53 -13.41
C GLY B 450 -12.74 -0.35 -12.67
N LEU B 451 -12.85 0.01 -11.39
CA LEU B 451 -11.70 0.47 -10.65
C LEU B 451 -10.96 -0.58 -9.83
N ASN B 452 -11.34 -1.84 -9.93
CA ASN B 452 -10.52 -2.88 -9.31
C ASN B 452 -9.10 -2.82 -9.87
N GLY B 453 -8.11 -3.05 -9.01
CA GLY B 453 -6.73 -2.86 -9.36
C GLY B 453 -6.19 -3.86 -10.36
N ILE B 454 -6.66 -5.10 -10.23
CA ILE B 454 -6.29 -6.17 -11.14
C ILE B 454 -7.57 -6.89 -11.53
N LYS B 455 -7.82 -6.94 -12.83
CA LYS B 455 -9.06 -7.49 -13.37
C LYS B 455 -8.72 -8.56 -14.39
N GLU B 456 -9.30 -9.74 -14.26
CA GLU B 456 -9.07 -10.79 -15.23
C GLU B 456 -10.37 -11.29 -15.83
N ALA B 457 -10.24 -11.95 -16.98
CA ALA B 457 -11.39 -12.51 -17.66
C ALA B 457 -10.94 -13.63 -18.57
N GLU B 458 -11.80 -14.64 -18.72
CA GLU B 458 -11.61 -15.66 -19.72
C GLU B 458 -12.46 -15.28 -20.92
N VAL B 459 -11.85 -15.28 -22.09
CA VAL B 459 -12.56 -14.95 -23.32
C VAL B 459 -12.42 -16.10 -24.30
N GLU B 460 -13.49 -16.39 -25.02
CA GLU B 460 -13.44 -17.40 -26.08
C GLU B 460 -13.24 -16.71 -27.41
N ILE B 461 -12.24 -17.18 -28.15
CA ILE B 461 -11.95 -16.67 -29.49
C ILE B 461 -11.73 -17.83 -30.43
N ASN B 462 -12.62 -17.97 -31.40
CA ASN B 462 -12.54 -19.05 -32.36
C ASN B 462 -12.47 -20.40 -31.65
N ASN B 463 -13.34 -20.58 -30.66
CA ASN B 463 -13.49 -21.84 -29.93
C ASN B 463 -12.24 -22.31 -29.18
N ASN B 464 -11.40 -21.36 -28.78
CA ASN B 464 -10.36 -21.62 -27.80
C ASN B 464 -10.54 -20.63 -26.64
N LYS B 465 -10.14 -21.03 -25.43
CA LYS B 465 -10.23 -20.14 -24.27
C LYS B 465 -8.93 -19.38 -24.10
N TYR B 466 -9.03 -18.07 -23.86
CA TYR B 466 -7.84 -17.26 -23.59
C TYR B 466 -8.02 -16.44 -22.31
N ASN B 467 -6.92 -16.25 -21.60
CA ASN B 467 -6.90 -15.47 -20.37
C ASN B 467 -6.38 -14.06 -20.61
N VAL B 468 -7.20 -13.08 -20.24
CA VAL B 468 -6.79 -11.68 -20.32
C VAL B 468 -6.78 -11.06 -18.93
N ALA B 469 -5.95 -10.04 -18.77
CA ALA B 469 -5.90 -9.29 -17.53
C ALA B 469 -5.78 -7.80 -17.83
N VAL B 470 -6.38 -6.99 -16.96
CA VAL B 470 -6.25 -5.54 -17.02
C VAL B 470 -5.62 -5.07 -15.73
N ILE B 471 -4.42 -4.53 -15.84
CA ILE B 471 -3.68 -3.98 -14.71
C ILE B 471 -3.96 -2.48 -14.64
N ASN B 472 -4.49 -2.04 -13.51
CA ASN B 472 -5.06 -0.72 -13.35
C ASN B 472 -4.26 0.09 -12.32
N GLY B 473 -3.19 0.73 -12.79
CA GLY B 473 -2.28 1.46 -11.91
C GLY B 473 -0.92 0.79 -11.80
N ALA B 474 0.12 1.61 -11.82
CA ALA B 474 1.50 1.11 -11.78
C ALA B 474 1.81 0.31 -10.51
N SER B 475 1.25 0.71 -9.37
CA SER B 475 1.43 -0.05 -8.15
C SER B 475 0.88 -1.47 -8.31
N ASN B 476 -0.23 -1.60 -9.03
CA ASN B 476 -0.83 -2.93 -9.24
C ASN B 476 -0.06 -3.79 -10.25
N LEU B 477 0.69 -3.15 -11.14
CA LEU B 477 1.62 -3.90 -11.98
C LEU B 477 2.67 -4.55 -11.11
N PHE B 478 3.26 -3.78 -10.19
CA PHE B 478 4.25 -4.36 -9.27
C PHE B 478 3.62 -5.52 -8.49
N LYS B 479 2.39 -5.33 -8.02
CA LYS B 479 1.73 -6.35 -7.20
C LYS B 479 1.57 -7.62 -8.04
N PHE B 480 1.08 -7.43 -9.25
CA PHE B 480 0.82 -8.53 -10.18
C PHE B 480 2.08 -9.34 -10.45
N MET B 481 3.22 -8.65 -10.62
CA MET B 481 4.49 -9.32 -10.91
C MET B 481 5.14 -9.89 -9.65
N LYS B 482 5.30 -9.07 -8.61
CA LYS B 482 6.01 -9.49 -7.41
C LYS B 482 5.32 -10.62 -6.64
N SER B 483 3.99 -10.64 -6.69
CA SER B 483 3.19 -11.67 -6.02
C SER B 483 3.18 -13.01 -6.75
N GLY B 484 3.69 -13.01 -7.98
CA GLY B 484 3.71 -14.20 -8.81
C GLY B 484 2.38 -14.51 -9.49
N MET B 485 1.45 -13.55 -9.45
CA MET B 485 0.15 -13.75 -10.08
C MET B 485 0.30 -14.02 -11.56
N ILE B 486 1.29 -13.38 -12.17
CA ILE B 486 1.62 -13.60 -13.58
C ILE B 486 1.80 -15.08 -13.87
N ASN B 487 2.23 -15.84 -12.87
CA ASN B 487 2.52 -17.26 -13.07
C ASN B 487 1.45 -18.24 -12.59
N GLU B 488 0.29 -17.75 -12.15
CA GLU B 488 -0.81 -18.62 -11.73
C GLU B 488 -1.48 -19.31 -12.91
N LYS B 489 -1.37 -18.69 -14.09
CA LYS B 489 -1.95 -19.25 -15.30
C LYS B 489 -1.24 -18.65 -16.49
N GLN B 490 -1.49 -19.18 -17.67
CA GLN B 490 -0.94 -18.60 -18.88
C GLN B 490 -1.82 -17.44 -19.32
N TYR B 491 -1.29 -16.22 -19.24
CA TYR B 491 -1.98 -15.06 -19.77
C TYR B 491 -1.60 -14.84 -21.22
N HIS B 492 -2.57 -14.37 -22.00
CA HIS B 492 -2.37 -14.21 -23.44
C HIS B 492 -2.34 -12.75 -23.86
N PHE B 493 -3.11 -11.91 -23.17
CA PHE B 493 -3.20 -10.48 -23.51
C PHE B 493 -3.42 -9.68 -22.24
N ILE B 494 -2.52 -8.73 -21.98
CA ILE B 494 -2.55 -7.96 -20.74
C ILE B 494 -2.48 -6.46 -21.02
N GLU B 495 -3.50 -5.73 -20.56
CA GLU B 495 -3.48 -4.27 -20.57
C GLU B 495 -2.84 -3.73 -19.29
N VAL B 496 -1.95 -2.77 -19.45
CA VAL B 496 -1.38 -2.06 -18.31
C VAL B 496 -1.50 -0.54 -18.47
N MET B 497 -2.13 0.09 -17.47
CA MET B 497 -2.15 1.56 -17.35
C MET B 497 -1.40 1.97 -16.09
N ALA B 498 -0.61 3.03 -16.18
CA ALA B 498 0.17 3.48 -15.03
C ALA B 498 -0.70 4.24 -14.01
N CYS B 499 -1.73 4.92 -14.51
CA CYS B 499 -2.57 5.74 -13.63
C CYS B 499 -3.83 5.01 -13.28
N HIS B 500 -4.09 4.85 -11.98
CA HIS B 500 -5.28 4.14 -11.54
C HIS B 500 -6.54 4.83 -12.04
N GLY B 501 -7.40 4.05 -12.67
CA GLY B 501 -8.60 4.57 -13.34
C GLY B 501 -8.39 4.73 -14.84
N GLY B 502 -7.15 4.62 -15.29
CA GLY B 502 -6.80 4.91 -16.66
C GLY B 502 -6.55 6.39 -16.89
N CYS B 503 -6.46 6.78 -18.17
CA CYS B 503 -6.03 8.12 -18.55
C CYS B 503 -6.97 9.23 -18.06
N VAL B 504 -8.21 8.91 -17.73
CA VAL B 504 -9.10 9.93 -17.18
C VAL B 504 -8.53 10.46 -15.87
N ASN B 505 -7.65 9.70 -15.23
CA ASN B 505 -6.96 10.13 -14.02
C ASN B 505 -5.47 10.41 -14.25
N GLY B 506 -5.12 10.83 -15.47
CA GLY B 506 -3.74 11.10 -15.81
C GLY B 506 -3.16 12.34 -15.16
N GLY B 507 -1.84 12.50 -15.30
CA GLY B 507 -1.10 13.53 -14.60
C GLY B 507 -1.19 14.92 -15.20
N GLY B 508 -1.84 15.02 -16.36
CA GLY B 508 -2.07 16.29 -17.01
C GLY B 508 -3.50 16.80 -16.84
N GLN B 509 -4.27 16.12 -15.98
CA GLN B 509 -5.68 16.43 -15.83
C GLN B 509 -5.96 17.59 -14.87
N PRO B 510 -7.18 18.13 -14.92
CA PRO B 510 -7.51 19.20 -13.96
C PRO B 510 -7.32 18.75 -12.53
N HIS B 511 -6.72 19.60 -11.71
CA HIS B 511 -6.67 19.34 -10.28
C HIS B 511 -8.08 19.34 -9.71
N VAL B 512 -8.30 18.51 -8.70
CA VAL B 512 -9.57 18.44 -7.98
C VAL B 512 -9.24 18.61 -6.51
N ASN B 513 -9.90 19.56 -5.84
CA ASN B 513 -9.54 19.78 -4.44
C ASN B 513 -10.05 18.60 -3.60
N PRO B 514 -9.39 18.33 -2.47
CA PRO B 514 -9.66 17.12 -1.67
C PRO B 514 -11.13 16.96 -1.29
N LYS B 515 -11.83 18.07 -1.08
CA LYS B 515 -13.22 18.01 -0.68
C LYS B 515 -14.10 17.47 -1.81
N ASP B 516 -13.86 17.97 -3.02
CA ASP B 516 -14.61 17.49 -4.19
C ASP B 516 -14.35 16.01 -4.40
N LEU B 517 -13.12 15.58 -4.14
CA LEU B 517 -12.76 14.18 -4.29
C LEU B 517 -13.54 13.29 -3.33
N GLU B 518 -13.87 13.81 -2.15
CA GLU B 518 -14.68 13.07 -1.18
C GLU B 518 -16.12 12.96 -1.68
N LYS B 519 -16.55 13.97 -2.42
CA LYS B 519 -17.93 14.05 -2.90
C LYS B 519 -18.15 13.37 -4.26
N VAL B 520 -17.11 13.34 -5.09
CA VAL B 520 -17.23 12.80 -6.45
C VAL B 520 -16.21 11.70 -6.72
N ASP B 521 -16.66 10.63 -7.36
CA ASP B 521 -15.76 9.60 -7.86
C ASP B 521 -15.25 10.06 -9.22
N ILE B 522 -14.15 10.79 -9.21
CA ILE B 522 -13.65 11.46 -10.41
C ILE B 522 -13.28 10.46 -11.51
N LYS B 523 -12.72 9.32 -11.12
CA LYS B 523 -12.35 8.29 -12.09
C LYS B 523 -13.58 7.72 -12.78
N LYS B 524 -14.62 7.43 -12.01
CA LYS B 524 -15.84 6.87 -12.61
C LYS B 524 -16.62 7.90 -13.42
N VAL B 525 -16.73 9.11 -12.89
CA VAL B 525 -17.55 10.13 -13.54
C VAL B 525 -16.94 10.60 -14.86
N ARG B 526 -15.62 10.74 -14.90
CA ARG B 526 -14.95 11.07 -16.15
C ARG B 526 -15.11 9.92 -17.16
N ALA B 527 -14.91 8.70 -16.70
CA ALA B 527 -14.97 7.54 -17.58
C ALA B 527 -16.37 7.38 -18.13
N SER B 528 -17.37 7.76 -17.34
CA SER B 528 -18.76 7.56 -17.75
C SER B 528 -19.06 8.30 -19.05
N VAL B 529 -18.44 9.47 -19.23
CA VAL B 529 -18.59 10.23 -20.47
C VAL B 529 -18.17 9.40 -21.67
N LEU B 530 -17.07 8.68 -21.52
CA LEU B 530 -16.52 7.91 -22.62
C LEU B 530 -17.40 6.72 -22.95
N TYR B 531 -17.83 5.98 -21.94
CA TYR B 531 -18.68 4.81 -22.15
C TYR B 531 -20.03 5.23 -22.74
N ASN B 532 -20.54 6.38 -22.32
CA ASN B 532 -21.77 6.91 -22.90
C ASN B 532 -21.61 7.18 -24.40
N GLN B 533 -20.47 7.75 -24.80
CA GLN B 533 -20.24 7.99 -26.22
C GLN B 533 -20.25 6.66 -26.99
N ASP B 534 -19.59 5.65 -26.45
CA ASP B 534 -19.52 4.33 -27.09
C ASP B 534 -20.91 3.73 -27.26
N GLU B 535 -21.75 3.86 -26.24
CA GLU B 535 -23.11 3.34 -26.27
C GLU B 535 -23.94 3.93 -27.39
N HIS B 536 -23.67 5.20 -27.72
CA HIS B 536 -24.52 5.96 -28.62
C HIS B 536 -23.92 6.16 -30.01
N LEU B 537 -22.75 5.59 -30.24
CA LEU B 537 -22.11 5.66 -31.56
C LEU B 537 -22.60 4.55 -32.48
N SER B 538 -22.72 4.86 -33.76
CA SER B 538 -23.16 3.89 -34.77
C SER B 538 -22.16 2.75 -34.92
N LYS B 539 -20.89 3.11 -35.09
CA LYS B 539 -19.80 2.13 -35.17
C LYS B 539 -19.17 1.97 -33.80
N ARG B 540 -19.09 0.74 -33.32
CA ARG B 540 -18.50 0.48 -32.00
C ARG B 540 -17.32 -0.47 -32.09
N LYS B 541 -16.81 -0.65 -33.31
CA LYS B 541 -15.62 -1.46 -33.54
C LYS B 541 -14.67 -0.64 -34.40
N SER B 542 -13.39 -0.64 -34.01
CA SER B 542 -12.40 0.20 -34.68
C SER B 542 -12.33 -0.05 -36.17
N HIS B 543 -12.51 -1.29 -36.60
CA HIS B 543 -12.34 -1.62 -38.01
C HIS B 543 -13.58 -1.24 -38.84
N GLU B 544 -14.58 -0.64 -38.19
CA GLU B 544 -15.77 -0.14 -38.89
C GLU B 544 -15.74 1.38 -39.05
N ASN B 545 -14.71 2.03 -38.51
CA ASN B 545 -14.48 3.46 -38.72
C ASN B 545 -14.28 3.72 -40.22
N THR B 546 -15.19 4.46 -40.84
CA THR B 546 -15.20 4.56 -42.30
C THR B 546 -13.99 5.35 -42.83
N ALA B 547 -13.61 6.40 -42.11
CA ALA B 547 -12.45 7.21 -42.50
C ALA B 547 -11.18 6.37 -42.39
N LEU B 548 -11.13 5.52 -41.38
CA LEU B 548 -10.00 4.63 -41.18
C LEU B 548 -9.93 3.57 -42.27
N VAL B 549 -11.07 2.97 -42.58
CA VAL B 549 -11.13 1.94 -43.61
C VAL B 549 -10.60 2.53 -44.92
N LYS B 550 -11.00 3.75 -45.21
CA LYS B 550 -10.56 4.40 -46.45
C LYS B 550 -9.07 4.66 -46.44
N MET B 551 -8.55 5.08 -45.28
CA MET B 551 -7.13 5.31 -45.12
C MET B 551 -6.32 4.03 -45.37
N TYR B 552 -6.76 2.91 -44.81
CA TYR B 552 -6.05 1.65 -45.01
C TYR B 552 -6.19 1.17 -46.45
N GLN B 553 -7.40 1.26 -47.00
CA GLN B 553 -7.63 0.86 -48.39
C GLN B 553 -6.76 1.63 -49.37
N ASN B 554 -6.69 2.94 -49.19
CA ASN B 554 -6.03 3.80 -50.15
C ASN B 554 -4.54 4.02 -49.92
N TYR B 555 -4.06 3.84 -48.69
CA TYR B 555 -2.68 4.22 -48.37
C TYR B 555 -1.86 3.13 -47.67
N PHE B 556 -2.37 2.54 -46.60
CA PHE B 556 -1.56 1.60 -45.81
C PHE B 556 -1.63 0.15 -46.24
N GLY B 557 -2.75 -0.26 -46.84
CA GLY B 557 -2.94 -1.65 -47.22
C GLY B 557 -3.49 -2.45 -46.05
N LYS B 558 -2.98 -3.66 -45.86
CA LYS B 558 -3.46 -4.53 -44.79
C LYS B 558 -2.75 -4.21 -43.47
N PRO B 559 -3.50 -4.15 -42.35
CA PRO B 559 -2.84 -3.93 -41.05
C PRO B 559 -1.90 -5.06 -40.68
N GLY B 560 -0.88 -4.75 -39.89
CA GLY B 560 0.06 -5.74 -39.40
C GLY B 560 0.95 -6.34 -40.49
N GLU B 561 0.86 -5.80 -41.69
CA GLU B 561 1.68 -6.24 -42.81
C GLU B 561 2.26 -5.05 -43.55
N GLY B 562 3.22 -5.33 -44.42
CA GLY B 562 3.72 -4.38 -45.40
C GLY B 562 3.99 -2.98 -44.87
N ARG B 563 3.34 -1.99 -45.47
CA ARG B 563 3.59 -0.60 -45.12
C ARG B 563 3.12 -0.29 -43.71
N ALA B 564 1.98 -0.84 -43.32
CA ALA B 564 1.43 -0.58 -41.99
C ALA B 564 2.43 -1.05 -40.94
N HIS B 565 2.98 -2.24 -41.13
CA HIS B 565 3.94 -2.77 -40.17
C HIS B 565 5.21 -1.93 -40.18
N GLU B 566 5.61 -1.47 -41.36
CA GLU B 566 6.86 -0.74 -41.51
C GLU B 566 6.88 0.57 -40.73
N ILE B 567 5.78 1.31 -40.74
CA ILE B 567 5.81 2.66 -40.17
C ILE B 567 4.85 2.93 -39.02
N LEU B 568 3.84 2.09 -38.82
CA LEU B 568 2.88 2.31 -37.72
C LEU B 568 3.28 1.56 -36.44
N HIS B 569 4.44 0.91 -36.46
CA HIS B 569 4.87 0.09 -35.34
C HIS B 569 6.15 0.63 -34.70
N PHE B 570 6.38 0.21 -33.47
CA PHE B 570 7.54 0.63 -32.69
C PHE B 570 7.84 -0.44 -31.66
N LYS B 571 9.03 -1.03 -31.74
CA LYS B 571 9.38 -2.12 -30.84
C LYS B 571 10.39 -1.64 -29.81
N TYR B 572 10.18 -2.06 -28.57
CA TYR B 572 11.11 -1.79 -27.49
C TYR B 572 11.96 -3.04 -27.27
N LYS B 573 13.23 -2.84 -26.94
CA LYS B 573 14.09 -3.95 -26.60
C LYS B 573 14.98 -3.57 -25.44
N LYS B 574 15.42 -4.56 -24.67
CA LYS B 574 16.30 -4.29 -23.55
C LYS B 574 17.62 -3.79 -24.10
N SER B 575 18.38 -3.09 -23.27
CA SER B 575 19.62 -2.47 -23.71
C SER B 575 20.65 -3.52 -24.08
N ALA B 576 21.60 -3.14 -24.93
CA ALA B 576 22.69 -4.04 -25.30
C ALA B 576 23.56 -4.28 -24.09
N TRP B 577 24.02 -5.52 -23.92
CA TRP B 577 24.91 -5.84 -22.81
C TRP B 577 26.14 -4.96 -22.87
N SER B 578 26.54 -4.44 -21.73
CA SER B 578 27.80 -3.71 -21.62
C SER B 578 28.29 -3.76 -20.19
N HIS B 579 29.58 -3.53 -20.00
CA HIS B 579 30.13 -3.47 -18.67
C HIS B 579 31.27 -2.45 -18.63
N PRO B 580 31.32 -1.62 -17.56
CA PRO B 580 30.36 -1.55 -16.45
C PRO B 580 29.09 -0.79 -16.82
N GLN B 581 28.25 -0.53 -15.83
CA GLN B 581 27.02 0.23 -16.04
C GLN B 581 26.94 1.40 -15.06
#